data_1T0Q
#
_entry.id   1T0Q
#
_cell.length_a   182.805
_cell.length_b   182.805
_cell.length_c   68.036
_cell.angle_alpha   90.00
_cell.angle_beta   90.00
_cell.angle_gamma   120.00
#
_symmetry.space_group_name_H-M   'P 31 2 1'
#
loop_
_entity.id
_entity.type
_entity.pdbx_description
1 polymer 'toluene, o-xylene monooxygenase oxygenase subunit'
2 polymer 'toluene, o-xylene monooxygenase oxygenase subunit'
3 polymer touB
4 non-polymer 'FE (III) ION'
5 non-polymer 'HYDROXIDE ION'
6 non-polymer 'SULFANYLACETIC ACID'
7 non-polymer 'SULFATE ION'
8 water water
#
loop_
_entity_poly.entity_id
_entity_poly.type
_entity_poly.pdbx_seq_one_letter_code
_entity_poly.pdbx_strand_id
1 'polypeptide(L)'
;MSMLKREDWYDLTRTTNWTPKYVTENELFPEEMSGARGISMEAWEKYDEPYKITYPEYVSIQREKDSGAYSIKAALERDG
FVDRADPGWVSTMQLHFGAIALEEYAASTAEARMARFAKAPGNRNMATFGMMDENRHGQIQLYFPYANVKRSRKWDWAHK
AIHTNEWAAIAARSFFDDMMMTRDSVAVSIMLTFAFETGFTNMQFLGLAADAAEAGDHTFASLISSIQTDESRHAQQGGP
SLKILVENGKKDEAQQMVDVAIWRSWKLFSVLTGPIMDYYTPLESRNQSFKEFMLEWIVAQFERQLLDLGLDKPWYWDQF
MQDLDETHHGMHLGVWYWRPTVWWDPAAGVSPEEREWLEEKYPGWNDTWGQCWDVITDNLVNGKPELTVPETLPTICNMC
NLPIAHTPGNKWNVKDYQLEYEGRLYHFGSEADRWCFQIDPERYKNHTNLVDRFLKGEIQPADLAGALMYMSLEPGVMGD
DAHDYEWVKAYQKKTNAA
;
A
2 'polypeptide(L)'
;MSEQQPEALKPLKTWSHLAGNRRRPSEYEVVSTNLHYFTDNPERPWELDSNLPMQTWYKKYCFDSPLKHDDWNAFRDPDQ
LVYRTYNLLQDGQESYVQGLFDQLNDRGHDQMLTREWVETLARFYTPARYLFHALQMGSVYIHQIAPASTITNCATYETA
DHLRWLTHTAYRTRELANCYPDVGFGKRERDVWENDPAWQGFRELIEKALIAWDWGEAFTAINLVTKPAVEEALLQQLGS
LAQSEGDTLLGLLAQAQKRDAERHRRWSSALVKMALEKEGNREVLQKWVAKWEPLADKAIEAYCSALPDGENAIVEAKSA
SRYVRQMMGL
;
B
3 'polypeptide(L)'
;MATFPIMSNFERDFVIQLVPVDTEDTMDQVAEKCAYHSINRRVHPQPEKILRVRRHEDGTLFPRGMIVSDAGLRPTETLD
IIFMDN
;
C
#
# COMPACT_ATOMS: atom_id res chain seq x y z
N SER A 2 27.54 17.67 25.68
CA SER A 2 26.34 16.94 26.15
C SER A 2 25.24 16.96 25.11
N MET A 3 24.18 16.19 25.36
CA MET A 3 23.06 16.06 24.44
C MET A 3 21.74 16.37 25.12
N LEU A 4 20.78 16.92 24.37
CA LEU A 4 19.47 17.23 24.92
C LEU A 4 18.62 15.94 24.97
N LYS A 5 17.65 15.98 25.89
CA LYS A 5 16.70 14.84 25.97
C LYS A 5 15.69 15.04 24.83
N ARG A 6 15.14 13.99 24.31
CA ARG A 6 14.21 14.12 23.17
C ARG A 6 13.04 15.01 23.49
N GLU A 7 12.47 14.79 24.66
CA GLU A 7 11.30 15.53 25.11
C GLU A 7 11.49 17.05 25.11
N ASP A 8 12.73 17.51 25.27
CA ASP A 8 13.01 18.94 25.31
C ASP A 8 12.91 19.68 23.99
N TRP A 9 13.07 18.98 22.87
CA TRP A 9 13.03 19.64 21.58
C TRP A 9 12.11 19.00 20.54
N TYR A 10 11.52 17.86 20.88
CA TYR A 10 10.65 17.17 19.95
C TYR A 10 9.59 18.04 19.29
N ASP A 11 8.86 18.80 20.07
CA ASP A 11 7.78 19.62 19.52
C ASP A 11 8.18 20.58 18.39
N LEU A 12 9.40 21.10 18.44
CA LEU A 12 9.84 22.00 17.40
C LEU A 12 9.89 21.27 16.04
N THR A 13 10.10 19.95 16.05
CA THR A 13 10.15 19.20 14.80
C THR A 13 8.79 19.15 14.12
N ARG A 14 7.73 19.38 14.88
CA ARG A 14 6.36 19.35 14.38
C ARG A 14 5.65 20.67 14.44
N THR A 15 6.41 21.73 14.78
CA THR A 15 5.88 23.12 14.71
C THR A 15 6.18 23.69 13.35
N THR A 16 5.46 23.18 12.34
CA THR A 16 5.75 23.49 10.94
C THR A 16 4.62 24.08 10.14
N ASN A 17 3.44 24.20 10.72
CA ASN A 17 2.32 24.81 9.99
C ASN A 17 2.55 26.32 9.92
N TRP A 18 2.06 26.93 8.85
CA TRP A 18 2.15 28.37 8.68
C TRP A 18 0.93 28.80 7.88
N THR A 19 0.69 30.10 7.85
CA THR A 19 -0.46 30.66 7.17
C THR A 19 -0.07 31.10 5.78
N PRO A 20 -0.50 30.34 4.75
CA PRO A 20 -0.18 30.66 3.36
C PRO A 20 -0.68 32.04 2.96
N LYS A 21 0.08 32.72 2.10
CA LYS A 21 -0.24 34.06 1.64
C LYS A 21 -0.19 34.19 0.12
N TYR A 22 0.73 33.50 -0.50
CA TYR A 22 0.96 33.59 -1.95
C TYR A 22 0.06 32.66 -2.71
N VAL A 23 -0.52 31.74 -2.00
CA VAL A 23 -1.55 30.76 -2.46
C VAL A 23 -2.63 30.73 -1.37
N THR A 24 -3.74 30.09 -1.63
CA THR A 24 -4.78 29.97 -0.58
C THR A 24 -4.54 28.67 0.19
N GLU A 25 -5.15 28.54 1.35
CA GLU A 25 -5.03 27.31 2.10
C GLU A 25 -5.67 26.16 1.33
N ASN A 26 -6.79 26.44 0.65
CA ASN A 26 -7.47 25.41 -0.11
C ASN A 26 -6.66 24.94 -1.33
N GLU A 27 -5.84 25.83 -1.89
CA GLU A 27 -5.01 25.46 -3.04
C GLU A 27 -3.84 24.61 -2.54
N LEU A 28 -3.26 25.01 -1.41
CA LEU A 28 -2.12 24.30 -0.82
C LEU A 28 -2.52 22.92 -0.30
N PHE A 29 -3.71 22.85 0.30
CA PHE A 29 -4.23 21.60 0.86
C PHE A 29 -5.60 21.30 0.22
N PRO A 30 -5.61 20.90 -1.06
CA PRO A 30 -6.89 20.59 -1.73
C PRO A 30 -7.69 19.54 -0.97
N GLU A 31 -8.96 19.85 -0.72
CA GLU A 31 -9.85 18.97 0.02
C GLU A 31 -9.85 17.51 -0.44
N GLU A 32 -9.86 17.28 -1.75
CA GLU A 32 -9.86 15.91 -2.26
C GLU A 32 -8.60 15.15 -1.85
N MET A 33 -7.53 15.88 -1.52
CA MET A 33 -6.29 15.24 -1.09
C MET A 33 -6.09 15.33 0.42
N SER A 34 -6.55 16.41 1.04
CA SER A 34 -6.37 16.61 2.48
C SER A 34 -7.43 16.01 3.37
N GLY A 35 -8.69 16.22 3.01
CA GLY A 35 -9.77 15.68 3.81
C GLY A 35 -9.87 16.36 5.16
N ALA A 36 -9.49 17.63 5.24
CA ALA A 36 -9.55 18.39 6.49
C ALA A 36 -11.00 18.46 6.99
N ARG A 37 -11.94 18.28 6.07
CA ARG A 37 -13.37 18.27 6.38
C ARG A 37 -13.96 19.45 7.17
N GLY A 38 -13.56 20.66 6.81
CA GLY A 38 -14.09 21.83 7.48
C GLY A 38 -13.46 22.10 8.84
N ILE A 39 -12.68 21.15 9.35
CA ILE A 39 -12.01 21.31 10.63
C ILE A 39 -10.74 22.13 10.38
N SER A 40 -10.59 23.22 11.12
CA SER A 40 -9.47 24.15 10.96
C SER A 40 -8.06 23.61 11.19
N MET A 41 -7.09 24.35 10.67
CA MET A 41 -5.69 24.01 10.81
C MET A 41 -5.33 23.98 12.30
N GLU A 42 -5.81 24.97 13.03
CA GLU A 42 -5.53 25.05 14.47
C GLU A 42 -6.04 23.81 15.20
N ALA A 43 -7.23 23.34 14.83
CA ALA A 43 -7.82 22.16 15.46
C ALA A 43 -7.07 20.88 15.08
N TRP A 44 -6.54 20.81 13.87
CA TRP A 44 -5.80 19.62 13.46
C TRP A 44 -4.46 19.58 14.17
N GLU A 45 -4.02 20.74 14.65
CA GLU A 45 -2.75 20.84 15.36
C GLU A 45 -2.78 20.18 16.74
N LYS A 46 -3.95 19.72 17.16
CA LYS A 46 -4.07 19.02 18.45
C LYS A 46 -3.58 17.57 18.26
N TYR A 47 -3.41 17.17 17.00
CA TYR A 47 -2.93 15.83 16.66
C TYR A 47 -1.65 15.56 17.46
N ASP A 48 -1.60 14.45 18.18
CA ASP A 48 -0.43 14.13 18.99
C ASP A 48 -0.14 12.64 18.97
N GLU A 49 0.78 12.22 18.10
CA GLU A 49 1.14 10.81 17.97
C GLU A 49 1.69 10.25 19.27
N PRO A 50 1.22 9.07 19.68
CA PRO A 50 1.69 8.46 20.94
C PRO A 50 3.08 7.85 20.89
N TYR A 51 3.48 7.32 19.72
CA TYR A 51 4.80 6.71 19.60
C TYR A 51 5.68 7.64 18.77
N LYS A 52 6.46 8.45 19.47
CA LYS A 52 7.33 9.45 18.85
C LYS A 52 8.71 8.90 18.48
N ILE A 53 9.31 9.47 17.43
CA ILE A 53 10.63 9.05 16.97
C ILE A 53 11.24 10.20 16.15
N THR A 54 12.56 10.36 16.20
CA THR A 54 13.24 11.43 15.46
C THR A 54 14.16 10.79 14.42
N TYR A 55 14.59 11.58 13.43
CA TYR A 55 15.45 11.07 12.36
C TYR A 55 16.65 10.23 12.82
N PRO A 56 17.54 10.80 13.65
CA PRO A 56 18.70 10.01 14.08
C PRO A 56 18.37 8.68 14.75
N GLU A 57 17.32 8.67 15.56
CA GLU A 57 16.92 7.43 16.24
C GLU A 57 16.46 6.44 15.17
N TYR A 58 15.72 6.94 14.19
CA TYR A 58 15.20 6.09 13.12
C TYR A 58 16.30 5.37 12.33
N VAL A 59 17.23 6.10 11.73
CA VAL A 59 18.28 5.47 10.93
C VAL A 59 19.14 4.49 11.72
N SER A 60 19.41 4.82 12.98
CA SER A 60 20.22 3.97 13.83
C SER A 60 19.50 2.64 14.09
N ILE A 61 18.27 2.75 14.57
CA ILE A 61 17.45 1.58 14.88
C ILE A 61 17.12 0.72 13.66
N GLN A 62 16.75 1.36 12.56
CA GLN A 62 16.40 0.63 11.35
C GLN A 62 17.63 -0.01 10.71
N ARG A 63 18.78 0.63 10.91
CA ARG A 63 20.03 0.09 10.39
C ARG A 63 20.28 -1.26 11.05
N GLU A 64 20.08 -1.31 12.37
CA GLU A 64 20.31 -2.55 13.10
C GLU A 64 19.29 -3.63 12.76
N LYS A 65 18.06 -3.24 12.48
CA LYS A 65 17.04 -4.23 12.13
C LYS A 65 17.43 -4.96 10.84
N ASP A 66 17.86 -4.22 9.82
CA ASP A 66 18.25 -4.85 8.57
C ASP A 66 19.53 -5.66 8.72
N SER A 67 20.49 -5.15 9.48
CA SER A 67 21.74 -5.87 9.68
C SER A 67 21.37 -7.26 10.19
N GLY A 68 20.46 -7.30 11.16
CA GLY A 68 20.04 -8.57 11.73
C GLY A 68 19.33 -9.48 10.75
N ALA A 69 18.28 -8.97 10.09
CA ALA A 69 17.49 -9.75 9.16
C ALA A 69 18.28 -10.27 7.95
N TYR A 70 19.10 -9.42 7.36
CA TYR A 70 19.90 -9.81 6.22
C TYR A 70 21.01 -10.77 6.64
N SER A 71 21.44 -10.67 7.91
CA SER A 71 22.48 -11.56 8.42
C SER A 71 21.92 -12.97 8.59
N ILE A 72 20.69 -13.06 9.09
CA ILE A 72 20.05 -14.35 9.28
C ILE A 72 19.90 -15.01 7.92
N LYS A 73 19.40 -14.24 6.95
CA LYS A 73 19.19 -14.77 5.61
C LYS A 73 20.45 -15.37 5.00
N ALA A 74 21.55 -14.61 5.03
CA ALA A 74 22.81 -15.06 4.46
C ALA A 74 23.38 -16.29 5.17
N ALA A 75 23.19 -16.38 6.48
CA ALA A 75 23.71 -17.50 7.25
C ALA A 75 22.97 -18.82 7.01
N LEU A 76 21.69 -18.73 6.62
CA LEU A 76 20.87 -19.91 6.39
C LEU A 76 20.61 -20.20 4.92
N GLU A 77 21.12 -19.35 4.03
CA GLU A 77 20.87 -19.51 2.60
C GLU A 77 21.33 -20.83 1.98
N ARG A 78 22.56 -21.23 2.23
CA ARG A 78 23.06 -22.47 1.63
C ARG A 78 22.53 -23.74 2.30
N ASP A 79 21.68 -23.58 3.30
CA ASP A 79 21.11 -24.72 4.02
C ASP A 79 19.93 -25.28 3.21
N GLY A 80 19.44 -24.49 2.27
CA GLY A 80 18.34 -24.91 1.43
C GLY A 80 17.10 -25.44 2.13
N PHE A 81 16.65 -24.75 3.17
CA PHE A 81 15.46 -25.17 3.90
C PHE A 81 14.24 -25.22 2.98
N VAL A 82 14.15 -24.23 2.10
CA VAL A 82 13.02 -24.15 1.19
C VAL A 82 12.85 -25.41 0.33
N ASP A 83 13.94 -26.15 0.13
CA ASP A 83 13.89 -27.37 -0.68
C ASP A 83 13.35 -28.58 0.08
N ARG A 84 13.26 -28.48 1.40
CA ARG A 84 12.75 -29.60 2.18
C ARG A 84 11.60 -29.19 3.09
N ALA A 85 11.11 -27.98 2.92
CA ALA A 85 10.00 -27.48 3.71
C ALA A 85 8.69 -28.15 3.26
N ASP A 86 7.69 -28.12 4.13
CA ASP A 86 6.40 -28.71 3.77
C ASP A 86 5.81 -27.91 2.61
N PRO A 87 5.16 -28.60 1.65
CA PRO A 87 4.56 -27.94 0.49
C PRO A 87 3.55 -26.86 0.89
N GLY A 88 2.82 -27.10 1.96
CA GLY A 88 1.84 -26.14 2.43
C GLY A 88 2.52 -24.86 2.90
N TRP A 89 3.69 -24.99 3.50
CA TRP A 89 4.44 -23.82 3.97
C TRP A 89 4.98 -23.06 2.75
N VAL A 90 5.53 -23.79 1.78
CA VAL A 90 6.06 -23.16 0.58
C VAL A 90 4.98 -22.33 -0.10
N SER A 91 3.81 -22.94 -0.27
CA SER A 91 2.69 -22.28 -0.90
C SER A 91 2.26 -21.05 -0.09
N THR A 92 2.39 -21.14 1.23
CA THR A 92 2.03 -20.04 2.11
C THR A 92 2.89 -18.81 1.81
N MET A 93 4.18 -19.02 1.63
CA MET A 93 5.10 -17.92 1.33
C MET A 93 4.90 -17.34 -0.06
N GLN A 94 4.72 -18.20 -1.06
CA GLN A 94 4.52 -17.73 -2.42
C GLN A 94 3.26 -16.89 -2.50
N LEU A 95 2.23 -17.31 -1.78
CA LEU A 95 0.98 -16.56 -1.74
C LEU A 95 1.27 -15.21 -1.08
N HIS A 96 1.92 -15.27 0.09
CA HIS A 96 2.27 -14.07 0.83
C HIS A 96 3.02 -13.02 0.00
N PHE A 97 4.14 -13.42 -0.58
CA PHE A 97 4.94 -12.51 -1.38
C PHE A 97 4.24 -11.94 -2.60
N GLY A 98 3.49 -12.77 -3.32
CA GLY A 98 2.81 -12.29 -4.49
C GLY A 98 1.72 -11.28 -4.17
N ALA A 99 0.99 -11.54 -3.10
CA ALA A 99 -0.08 -10.60 -2.77
C ALA A 99 0.40 -9.26 -2.17
N ILE A 100 1.46 -9.38 -1.36
CA ILE A 100 1.91 -8.31 -0.47
C ILE A 100 2.97 -7.42 -1.02
N ALA A 101 4.04 -8.03 -1.57
CA ALA A 101 5.29 -7.29 -1.88
C ALA A 101 5.07 -5.92 -2.49
N LEU A 102 4.44 -5.87 -3.66
CA LEU A 102 4.21 -4.59 -4.29
C LEU A 102 3.13 -3.73 -3.65
N GLU A 103 2.31 -4.33 -2.80
CA GLU A 103 1.28 -3.53 -2.13
C GLU A 103 1.98 -2.80 -0.97
N GLU A 104 2.97 -3.45 -0.37
CA GLU A 104 3.75 -2.81 0.69
C GLU A 104 4.35 -1.55 0.08
N TYR A 105 4.97 -1.71 -1.10
CA TYR A 105 5.60 -0.60 -1.79
C TYR A 105 4.58 0.49 -2.12
N ALA A 106 3.41 0.08 -2.59
CA ALA A 106 2.36 1.04 -2.89
C ALA A 106 1.97 1.80 -1.62
N ALA A 107 2.07 1.13 -0.47
CA ALA A 107 1.72 1.78 0.80
C ALA A 107 2.65 2.96 1.08
N SER A 108 3.84 2.98 0.48
CA SER A 108 4.77 4.08 0.73
C SER A 108 4.18 5.32 0.07
N THR A 109 3.34 5.13 -0.94
CA THR A 109 2.68 6.26 -1.61
C THR A 109 1.46 6.70 -0.78
N ALA A 110 0.81 5.76 -0.12
CA ALA A 110 -0.34 6.09 0.74
C ALA A 110 0.17 6.95 1.92
N GLU A 111 1.34 6.58 2.44
CA GLU A 111 1.95 7.32 3.54
C GLU A 111 2.35 8.71 3.01
N ALA A 112 2.93 8.75 1.81
CA ALA A 112 3.35 10.00 1.17
C ALA A 112 2.14 10.93 1.00
N ARG A 113 0.96 10.35 0.81
CA ARG A 113 -0.26 11.14 0.65
C ARG A 113 -0.46 11.94 1.94
N MET A 114 -0.29 11.29 3.08
CA MET A 114 -0.44 11.95 4.38
C MET A 114 0.72 12.90 4.66
N ALA A 115 1.93 12.51 4.27
CA ALA A 115 3.11 13.33 4.52
C ALA A 115 2.98 14.70 3.86
N ARG A 116 2.29 14.73 2.72
CA ARG A 116 2.12 16.04 2.05
C ARG A 116 0.87 16.73 2.52
N PHE A 117 -0.26 16.01 2.54
CA PHE A 117 -1.56 16.69 2.59
C PHE A 117 -2.20 16.76 3.94
N ALA A 118 -1.70 15.95 4.89
CA ALA A 118 -2.33 16.08 6.26
C ALA A 118 -2.10 17.49 6.83
N LYS A 119 -3.13 18.09 7.44
CA LYS A 119 -2.96 19.42 8.03
C LYS A 119 -2.32 19.33 9.41
N ALA A 120 -2.29 18.12 9.97
CA ALA A 120 -1.68 17.89 11.28
C ALA A 120 -0.18 17.67 11.09
N PRO A 121 0.65 18.61 11.56
CA PRO A 121 2.12 18.56 11.44
C PRO A 121 2.71 17.24 11.93
N GLY A 122 2.27 16.79 13.09
CA GLY A 122 2.78 15.54 13.64
C GLY A 122 2.44 14.36 12.75
N ASN A 123 1.33 14.48 12.02
CA ASN A 123 0.90 13.42 11.12
C ASN A 123 1.86 13.42 9.92
N ARG A 124 2.21 14.61 9.42
CA ARG A 124 3.11 14.66 8.27
C ARG A 124 4.49 14.07 8.52
N ASN A 125 5.06 14.27 9.70
CA ASN A 125 6.36 13.69 9.98
C ASN A 125 6.29 12.18 10.22
N MET A 126 5.28 11.71 10.95
CA MET A 126 5.17 10.27 11.20
C MET A 126 4.90 9.54 9.89
N ALA A 127 4.23 10.20 8.94
CA ALA A 127 3.93 9.59 7.66
C ALA A 127 5.20 9.53 6.80
N THR A 128 6.15 10.42 7.07
CA THR A 128 7.41 10.42 6.34
C THR A 128 8.20 9.18 6.78
N PHE A 129 8.13 8.85 8.08
CA PHE A 129 8.80 7.67 8.59
C PHE A 129 8.02 6.44 8.14
N GLY A 130 6.71 6.56 8.07
CA GLY A 130 5.89 5.45 7.62
C GLY A 130 6.19 5.19 6.15
N MET A 131 6.41 6.26 5.39
CA MET A 131 6.74 6.14 3.97
C MET A 131 8.02 5.31 3.85
N MET A 132 9.00 5.65 4.68
CA MET A 132 10.28 4.91 4.70
C MET A 132 10.10 3.46 5.11
N ASP A 133 9.21 3.19 6.08
CA ASP A 133 8.96 1.83 6.55
C ASP A 133 8.44 0.91 5.43
N GLU A 134 7.46 1.41 4.67
CA GLU A 134 6.87 0.62 3.60
C GLU A 134 7.86 0.49 2.44
N ASN A 135 8.76 1.46 2.30
CA ASN A 135 9.78 1.38 1.25
C ASN A 135 10.61 0.15 1.63
N ARG A 136 10.97 0.06 2.90
CA ARG A 136 11.74 -1.08 3.41
C ARG A 136 10.99 -2.40 3.22
N HIS A 137 9.72 -2.40 3.59
CA HIS A 137 8.90 -3.61 3.49
C HIS A 137 8.77 -4.12 2.06
N GLY A 138 8.64 -3.20 1.12
CA GLY A 138 8.53 -3.60 -0.26
C GLY A 138 9.85 -4.16 -0.77
N GLN A 139 10.96 -3.51 -0.42
CA GLN A 139 12.26 -3.95 -0.88
C GLN A 139 12.74 -5.27 -0.29
N ILE A 140 12.60 -5.41 1.02
CA ILE A 140 13.05 -6.62 1.69
C ILE A 140 12.20 -7.83 1.31
N GLN A 141 10.91 -7.59 0.98
CA GLN A 141 10.02 -8.66 0.57
C GLN A 141 10.11 -9.01 -0.87
N LEU A 142 11.02 -8.33 -1.58
CA LEU A 142 11.36 -8.69 -2.97
C LEU A 142 12.68 -9.49 -2.92
N TYR A 143 13.58 -8.92 -2.09
CA TYR A 143 14.93 -9.40 -1.89
C TYR A 143 14.99 -10.83 -1.36
N PHE A 144 14.16 -11.12 -0.38
CA PHE A 144 14.12 -12.45 0.21
C PHE A 144 13.61 -13.55 -0.74
N PRO A 145 12.47 -13.32 -1.41
CA PRO A 145 11.98 -14.37 -2.32
C PRO A 145 12.83 -14.49 -3.60
N TYR A 146 13.54 -13.42 -3.94
CA TYR A 146 14.39 -13.42 -5.12
C TYR A 146 15.41 -14.56 -5.04
N ALA A 147 15.72 -14.97 -3.82
CA ALA A 147 16.68 -16.05 -3.60
C ALA A 147 16.18 -17.39 -4.13
N ASN A 148 14.87 -17.49 -4.39
CA ASN A 148 14.29 -18.74 -4.86
C ASN A 148 13.80 -18.75 -6.30
N VAL A 149 14.11 -17.71 -7.07
CA VAL A 149 13.62 -17.67 -8.45
C VAL A 149 14.05 -18.86 -9.31
N LYS A 150 15.21 -19.42 -9.01
CA LYS A 150 15.73 -20.56 -9.77
C LYS A 150 15.05 -21.86 -9.40
N ARG A 151 14.26 -21.85 -8.32
CA ARG A 151 13.59 -23.06 -7.89
C ARG A 151 12.22 -23.25 -8.52
N SER A 152 11.55 -22.15 -8.84
CA SER A 152 10.23 -22.23 -9.46
C SER A 152 9.80 -20.87 -9.97
N ARG A 153 9.10 -20.88 -11.09
CA ARG A 153 8.61 -19.65 -11.71
C ARG A 153 7.61 -18.96 -10.79
N LYS A 154 7.03 -19.72 -9.87
CA LYS A 154 6.05 -19.18 -8.94
C LYS A 154 6.65 -18.06 -8.09
N TRP A 155 7.94 -18.14 -7.81
CA TRP A 155 8.59 -17.11 -6.99
C TRP A 155 8.69 -15.78 -7.73
N ASP A 156 8.61 -15.83 -9.07
CA ASP A 156 8.66 -14.62 -9.87
C ASP A 156 7.40 -13.79 -9.64
N TRP A 157 6.34 -14.42 -9.14
CA TRP A 157 5.10 -13.70 -8.90
C TRP A 157 5.16 -12.77 -7.68
N ALA A 158 6.27 -12.83 -6.94
CA ALA A 158 6.46 -11.94 -5.81
C ALA A 158 6.52 -10.54 -6.43
N HIS A 159 7.04 -10.49 -7.65
CA HIS A 159 7.08 -9.22 -8.34
C HIS A 159 5.89 -9.06 -9.25
N LYS A 160 5.56 -10.15 -9.97
CA LYS A 160 4.59 -10.10 -11.05
C LYS A 160 3.15 -10.00 -10.66
N ALA A 161 2.70 -10.76 -9.69
CA ALA A 161 1.29 -10.88 -9.29
C ALA A 161 0.46 -9.63 -9.47
N ILE A 162 0.86 -8.53 -8.83
CA ILE A 162 0.07 -7.31 -8.87
C ILE A 162 0.07 -6.62 -10.23
N HIS A 163 0.89 -7.12 -11.16
CA HIS A 163 0.92 -6.57 -12.51
C HIS A 163 -0.01 -7.38 -13.43
N THR A 164 -0.65 -8.42 -12.89
CA THR A 164 -1.54 -9.25 -13.71
C THR A 164 -3.02 -9.07 -13.40
N ASN A 165 -3.85 -9.73 -14.16
CA ASN A 165 -5.31 -9.74 -14.00
C ASN A 165 -5.78 -11.02 -13.39
N GLU A 166 -4.84 -11.77 -12.80
CA GLU A 166 -5.24 -12.98 -12.05
C GLU A 166 -6.13 -12.54 -10.87
N TRP A 167 -7.28 -13.21 -10.77
CA TRP A 167 -8.38 -12.86 -9.89
C TRP A 167 -7.97 -12.47 -8.47
N ALA A 168 -7.03 -13.20 -7.89
CA ALA A 168 -6.59 -12.90 -6.53
C ALA A 168 -5.95 -11.52 -6.48
N ALA A 169 -5.17 -11.19 -7.52
CA ALA A 169 -4.48 -9.90 -7.62
C ALA A 169 -5.47 -8.77 -7.81
N ILE A 170 -6.56 -9.03 -8.53
CA ILE A 170 -7.57 -8.00 -8.75
C ILE A 170 -8.22 -7.72 -7.40
N ALA A 171 -8.46 -8.78 -6.62
CA ALA A 171 -9.08 -8.65 -5.30
C ALA A 171 -8.16 -7.83 -4.39
N ALA A 172 -6.85 -8.06 -4.53
CA ALA A 172 -5.88 -7.34 -3.72
C ALA A 172 -5.89 -5.85 -4.06
N ARG A 173 -5.78 -5.52 -5.34
CA ARG A 173 -5.79 -4.11 -5.77
C ARG A 173 -7.13 -3.44 -5.44
N SER A 174 -8.20 -4.21 -5.53
CA SER A 174 -9.52 -3.68 -5.24
C SER A 174 -9.50 -3.13 -3.82
N PHE A 175 -9.02 -3.95 -2.88
CA PHE A 175 -8.94 -3.56 -1.49
C PHE A 175 -7.95 -2.41 -1.26
N PHE A 176 -6.69 -2.63 -1.61
CA PHE A 176 -5.66 -1.63 -1.40
C PHE A 176 -5.87 -0.28 -2.10
N ASP A 177 -6.35 -0.30 -3.33
CA ASP A 177 -6.57 0.98 -4.02
C ASP A 177 -7.71 1.74 -3.36
N ASP A 178 -8.72 1.01 -2.89
CA ASP A 178 -9.88 1.63 -2.25
C ASP A 178 -9.53 2.21 -0.88
N MET A 179 -8.77 1.45 -0.09
CA MET A 179 -8.38 1.87 1.26
C MET A 179 -7.29 2.93 1.38
N MET A 180 -6.22 2.80 0.60
CA MET A 180 -5.11 3.72 0.73
C MET A 180 -4.64 4.53 -0.46
N MET A 181 -4.96 4.10 -1.68
CA MET A 181 -4.48 4.82 -2.85
C MET A 181 -5.39 5.91 -3.44
N THR A 182 -6.70 5.83 -3.17
CA THR A 182 -7.61 6.80 -3.75
C THR A 182 -8.41 7.59 -2.73
N ARG A 183 -7.91 7.69 -1.50
CA ARG A 183 -8.58 8.40 -0.42
C ARG A 183 -7.78 9.62 0.06
N ASP A 184 -8.48 10.61 0.62
CA ASP A 184 -7.82 11.80 1.15
C ASP A 184 -6.96 11.40 2.34
N SER A 185 -6.01 12.27 2.70
CA SER A 185 -5.09 12.02 3.80
C SER A 185 -5.73 11.48 5.07
N VAL A 186 -6.75 12.18 5.56
CA VAL A 186 -7.42 11.75 6.78
C VAL A 186 -8.07 10.38 6.63
N ALA A 187 -8.73 10.15 5.50
CA ALA A 187 -9.37 8.85 5.28
C ALA A 187 -8.33 7.74 5.32
N VAL A 188 -7.15 8.01 4.74
CA VAL A 188 -6.09 7.00 4.73
C VAL A 188 -5.63 6.65 6.14
N SER A 189 -5.41 7.68 6.98
CA SER A 189 -4.97 7.38 8.34
C SER A 189 -5.98 6.49 9.06
N ILE A 190 -7.26 6.68 8.77
CA ILE A 190 -8.33 5.89 9.39
C ILE A 190 -8.46 4.48 8.81
N MET A 191 -8.69 4.40 7.52
CA MET A 191 -8.91 3.13 6.86
C MET A 191 -7.69 2.21 6.74
N LEU A 192 -6.52 2.80 6.50
CA LEU A 192 -5.32 1.99 6.37
C LEU A 192 -4.63 1.76 7.71
N THR A 193 -4.16 2.85 8.27
CA THR A 193 -3.43 2.88 9.53
C THR A 193 -4.19 2.30 10.75
N PHE A 194 -5.41 2.78 10.98
CA PHE A 194 -6.19 2.29 12.11
C PHE A 194 -6.87 0.94 11.87
N ALA A 195 -7.78 0.91 10.91
CA ALA A 195 -8.53 -0.30 10.60
C ALA A 195 -7.73 -1.51 10.11
N PHE A 196 -6.88 -1.33 9.11
CA PHE A 196 -6.11 -2.46 8.58
C PHE A 196 -4.80 -2.82 9.29
N GLU A 197 -3.91 -1.84 9.47
CA GLU A 197 -2.64 -2.15 10.10
C GLU A 197 -2.75 -2.39 11.61
N THR A 198 -3.40 -1.47 12.32
CA THR A 198 -3.56 -1.67 13.76
C THR A 198 -4.49 -2.84 14.00
N GLY A 199 -5.60 -2.88 13.26
CA GLY A 199 -6.57 -3.92 13.51
C GLY A 199 -6.30 -5.30 13.05
N PHE A 200 -5.54 -5.49 11.97
CA PHE A 200 -5.35 -6.81 11.41
C PHE A 200 -3.93 -7.28 11.27
N THR A 201 -3.15 -6.62 10.41
CA THR A 201 -1.77 -7.04 10.15
C THR A 201 -0.79 -7.01 11.32
N ASN A 202 -0.94 -6.06 12.23
CA ASN A 202 -0.03 -5.95 13.38
C ASN A 202 0.01 -7.26 14.16
N MET A 203 -1.15 -7.86 14.39
CA MET A 203 -1.20 -9.10 15.14
C MET A 203 -0.96 -10.32 14.24
N GLN A 204 -1.47 -10.25 13.02
CA GLN A 204 -1.32 -11.34 12.07
C GLN A 204 0.14 -11.68 11.78
N PHE A 205 0.95 -10.66 11.52
CA PHE A 205 2.36 -10.87 11.23
C PHE A 205 3.04 -11.54 12.42
N LEU A 206 2.48 -11.32 13.61
CA LEU A 206 3.02 -11.92 14.81
C LEU A 206 2.76 -13.43 14.73
N GLY A 207 1.54 -13.78 14.34
CA GLY A 207 1.19 -15.18 14.22
C GLY A 207 1.90 -15.84 13.06
N LEU A 208 2.06 -15.09 11.98
CA LEU A 208 2.73 -15.60 10.79
C LEU A 208 4.17 -15.96 11.15
N ALA A 209 4.83 -15.06 11.87
CA ALA A 209 6.21 -15.28 12.29
C ALA A 209 6.28 -16.47 13.24
N ALA A 210 5.22 -16.68 14.01
CA ALA A 210 5.17 -17.79 14.95
C ALA A 210 5.10 -19.08 14.15
N ASP A 211 4.21 -19.13 13.17
CA ASP A 211 4.04 -20.32 12.33
C ASP A 211 5.31 -20.63 11.56
N ALA A 212 5.99 -19.58 11.08
CA ALA A 212 7.22 -19.78 10.33
C ALA A 212 8.26 -20.46 11.20
N ALA A 213 8.38 -20.01 12.45
CA ALA A 213 9.34 -20.57 13.39
C ALA A 213 8.98 -22.03 13.62
N GLU A 214 7.70 -22.26 13.88
CA GLU A 214 7.18 -23.61 14.12
C GLU A 214 7.46 -24.53 12.94
N ALA A 215 7.44 -23.97 11.73
CA ALA A 215 7.69 -24.75 10.52
C ALA A 215 9.18 -24.95 10.28
N GLY A 216 10.01 -24.28 11.07
CA GLY A 216 11.44 -24.41 10.92
C GLY A 216 12.05 -23.44 9.92
N ASP A 217 11.28 -22.45 9.50
CA ASP A 217 11.76 -21.45 8.55
C ASP A 217 12.19 -20.21 9.32
N HIS A 218 13.42 -20.20 9.80
CA HIS A 218 13.94 -19.08 10.58
C HIS A 218 14.20 -17.82 9.76
N THR A 219 14.50 -17.99 8.48
CA THR A 219 14.72 -16.85 7.61
C THR A 219 13.43 -16.03 7.52
N PHE A 220 12.35 -16.69 7.11
CA PHE A 220 11.06 -16.04 6.96
C PHE A 220 10.56 -15.56 8.32
N ALA A 221 10.85 -16.31 9.37
CA ALA A 221 10.43 -15.95 10.73
C ALA A 221 11.05 -14.62 11.14
N SER A 222 12.34 -14.48 10.90
CA SER A 222 13.06 -13.25 11.24
C SER A 222 12.57 -12.11 10.35
N LEU A 223 12.30 -12.40 9.08
CA LEU A 223 11.82 -11.38 8.15
C LEU A 223 10.53 -10.75 8.65
N ILE A 224 9.50 -11.57 8.79
CA ILE A 224 8.20 -11.11 9.24
C ILE A 224 8.28 -10.49 10.63
N SER A 225 9.03 -11.12 11.51
CA SER A 225 9.17 -10.62 12.87
C SER A 225 9.74 -9.19 12.87
N SER A 226 10.77 -8.96 12.07
CA SER A 226 11.40 -7.63 11.98
C SER A 226 10.47 -6.57 11.38
N ILE A 227 9.77 -6.94 10.30
CA ILE A 227 8.85 -6.03 9.62
C ILE A 227 7.72 -5.61 10.57
N GLN A 228 7.26 -6.58 11.35
CA GLN A 228 6.19 -6.38 12.31
C GLN A 228 6.52 -5.26 13.31
N THR A 229 7.78 -5.17 13.74
CA THR A 229 8.15 -4.12 14.70
C THR A 229 8.07 -2.71 14.14
N ASP A 230 8.08 -2.55 12.82
CA ASP A 230 7.97 -1.23 12.20
C ASP A 230 6.52 -0.77 12.18
N GLU A 231 5.61 -1.74 12.15
CA GLU A 231 4.17 -1.49 12.06
C GLU A 231 3.57 -0.51 13.05
N SER A 232 3.79 -0.75 14.35
CA SER A 232 3.25 0.12 15.39
C SER A 232 3.64 1.58 15.18
N ARG A 233 4.87 1.80 14.78
CA ARG A 233 5.34 3.16 14.59
C ARG A 233 4.47 3.98 13.64
N HIS A 234 3.98 3.37 12.57
CA HIS A 234 3.15 4.15 11.66
C HIS A 234 1.68 3.78 11.69
N ALA A 235 1.35 2.62 12.25
CA ALA A 235 -0.05 2.21 12.34
C ALA A 235 -0.82 3.08 13.34
N GLN A 236 -0.09 3.83 14.14
CA GLN A 236 -0.64 4.70 15.17
C GLN A 236 -1.41 5.89 14.67
N GLN A 237 -1.15 6.31 13.43
CA GLN A 237 -1.64 7.52 12.81
C GLN A 237 -3.13 7.72 12.79
N GLY A 238 -3.90 6.67 12.69
CA GLY A 238 -5.37 6.79 12.63
C GLY A 238 -5.99 7.28 13.94
N GLY A 239 -5.59 6.70 15.08
CA GLY A 239 -6.15 7.08 16.37
C GLY A 239 -6.38 8.57 16.54
N PRO A 240 -5.32 9.38 16.57
CA PRO A 240 -5.41 10.83 16.72
C PRO A 240 -6.36 11.48 15.72
N SER A 241 -6.37 10.99 14.49
CA SER A 241 -7.26 11.55 13.47
C SER A 241 -8.69 11.28 13.88
N LEU A 242 -8.96 10.07 14.35
CA LEU A 242 -10.30 9.70 14.78
C LEU A 242 -10.76 10.55 15.96
N LYS A 243 -9.87 10.81 16.92
CA LYS A 243 -10.24 11.64 18.06
C LYS A 243 -10.59 13.05 17.62
N ILE A 244 -9.83 13.57 16.65
CA ILE A 244 -10.08 14.92 16.14
C ILE A 244 -11.46 14.99 15.49
N LEU A 245 -11.78 13.99 14.67
CA LEU A 245 -13.07 13.97 13.99
C LEU A 245 -14.22 13.86 14.99
N VAL A 246 -14.04 13.04 16.03
CA VAL A 246 -15.07 12.87 17.05
C VAL A 246 -15.19 14.14 17.90
N GLU A 247 -14.07 14.69 18.37
CA GLU A 247 -14.09 15.91 19.18
C GLU A 247 -14.87 17.00 18.46
N ASN A 248 -14.81 16.99 17.13
CA ASN A 248 -15.55 17.97 16.37
C ASN A 248 -16.85 17.31 15.94
N GLY A 249 -17.53 17.84 14.93
CA GLY A 249 -18.78 17.23 14.56
C GLY A 249 -18.69 16.27 13.39
N LYS A 250 -17.92 15.20 13.53
CA LYS A 250 -17.76 14.24 12.45
C LYS A 250 -17.70 12.78 12.91
N LYS A 251 -18.34 12.45 14.01
CA LYS A 251 -18.33 11.07 14.51
C LYS A 251 -18.96 10.07 13.54
N ASP A 252 -20.05 10.46 12.89
CA ASP A 252 -20.72 9.56 11.96
C ASP A 252 -19.87 9.29 10.72
N GLU A 253 -19.16 10.32 10.26
CA GLU A 253 -18.29 10.16 9.09
C GLU A 253 -17.15 9.23 9.45
N ALA A 254 -16.64 9.38 10.67
CA ALA A 254 -15.55 8.56 11.16
C ALA A 254 -16.02 7.12 11.30
N GLN A 255 -17.20 6.93 11.89
CA GLN A 255 -17.78 5.59 12.08
C GLN A 255 -17.95 4.89 10.74
N GLN A 256 -18.48 5.60 9.75
CA GLN A 256 -18.70 5.00 8.45
C GLN A 256 -17.41 4.54 7.76
N MET A 257 -16.31 5.28 7.94
CA MET A 257 -15.04 4.88 7.35
C MET A 257 -14.51 3.63 8.04
N VAL A 258 -14.64 3.59 9.36
CA VAL A 258 -14.20 2.45 10.13
C VAL A 258 -15.01 1.21 9.75
N ASP A 259 -16.32 1.35 9.64
CA ASP A 259 -17.18 0.22 9.26
C ASP A 259 -16.75 -0.37 7.91
N VAL A 260 -16.60 0.48 6.91
CA VAL A 260 -16.20 0.03 5.59
C VAL A 260 -14.83 -0.65 5.60
N ALA A 261 -13.83 0.05 6.12
CA ALA A 261 -12.47 -0.48 6.16
C ALA A 261 -12.34 -1.81 6.89
N ILE A 262 -13.06 -1.98 8.00
CA ILE A 262 -12.97 -3.22 8.75
C ILE A 262 -13.57 -4.38 7.97
N TRP A 263 -14.68 -4.14 7.30
CA TRP A 263 -15.32 -5.19 6.51
C TRP A 263 -14.45 -5.61 5.33
N ARG A 264 -13.97 -4.64 4.57
CA ARG A 264 -13.13 -4.95 3.42
C ARG A 264 -11.87 -5.67 3.86
N SER A 265 -11.29 -5.25 4.97
CA SER A 265 -10.08 -5.90 5.49
C SER A 265 -10.40 -7.34 5.84
N TRP A 266 -11.55 -7.55 6.48
CA TRP A 266 -11.97 -8.89 6.86
C TRP A 266 -12.12 -9.82 5.66
N LYS A 267 -12.73 -9.33 4.59
CA LYS A 267 -12.91 -10.18 3.41
C LYS A 267 -11.58 -10.59 2.79
N LEU A 268 -10.64 -9.66 2.70
CA LEU A 268 -9.33 -9.99 2.13
C LEU A 268 -8.67 -11.01 3.03
N PHE A 269 -8.81 -10.80 4.33
CA PHE A 269 -8.23 -11.69 5.34
C PHE A 269 -8.80 -13.10 5.27
N SER A 270 -10.10 -13.21 5.01
CA SER A 270 -10.76 -14.51 4.95
C SER A 270 -10.20 -15.39 3.84
N VAL A 271 -9.58 -14.77 2.83
CA VAL A 271 -9.03 -15.54 1.73
C VAL A 271 -7.51 -15.69 1.83
N LEU A 272 -6.83 -14.68 2.37
CA LEU A 272 -5.38 -14.75 2.47
C LEU A 272 -4.82 -15.38 3.75
N THR A 273 -5.59 -15.37 4.83
CA THR A 273 -5.11 -15.93 6.08
C THR A 273 -5.91 -17.13 6.57
N GLY A 274 -7.23 -17.02 6.55
CA GLY A 274 -8.09 -18.09 7.00
C GLY A 274 -7.72 -19.47 6.48
N PRO A 275 -7.69 -19.64 5.14
CA PRO A 275 -7.34 -20.93 4.52
C PRO A 275 -5.98 -21.45 4.98
N ILE A 276 -5.02 -20.56 5.08
CA ILE A 276 -3.67 -20.94 5.49
C ILE A 276 -3.61 -21.52 6.90
N MET A 277 -4.27 -20.88 7.85
CA MET A 277 -4.26 -21.34 9.23
C MET A 277 -4.95 -22.69 9.45
N ASP A 278 -6.12 -22.86 8.83
CA ASP A 278 -6.89 -24.08 9.01
C ASP A 278 -6.65 -25.21 8.01
N TYR A 279 -5.82 -24.99 7.00
CA TYR A 279 -5.60 -26.02 5.99
C TYR A 279 -4.17 -26.23 5.49
N TYR A 280 -3.43 -25.16 5.30
CA TYR A 280 -2.05 -25.29 4.79
C TYR A 280 -1.04 -25.64 5.87
N THR A 281 -1.23 -25.11 7.07
CA THR A 281 -0.30 -25.41 8.16
C THR A 281 -0.57 -26.82 8.66
N PRO A 282 0.49 -27.66 8.75
CA PRO A 282 0.36 -29.04 9.22
C PRO A 282 -0.42 -29.12 10.53
N LEU A 283 -1.35 -30.07 10.60
CA LEU A 283 -2.19 -30.28 11.77
C LEU A 283 -1.44 -30.17 13.11
N GLU A 284 -0.28 -30.81 13.19
CA GLU A 284 0.51 -30.81 14.41
C GLU A 284 1.09 -29.44 14.79
N SER A 285 1.14 -28.53 13.82
CA SER A 285 1.70 -27.20 14.06
C SER A 285 0.63 -26.12 14.21
N ARG A 286 -0.62 -26.53 14.44
CA ARG A 286 -1.71 -25.58 14.59
C ARG A 286 -2.00 -25.26 16.04
N ASN A 287 -1.59 -24.07 16.48
CA ASN A 287 -1.80 -23.62 17.86
C ASN A 287 -3.28 -23.39 18.12
N GLN A 288 -3.93 -22.67 17.20
CA GLN A 288 -5.36 -22.39 17.32
C GLN A 288 -5.98 -22.30 15.93
N SER A 289 -7.30 -22.24 15.88
CA SER A 289 -8.01 -22.15 14.61
C SER A 289 -8.13 -20.70 14.19
N PHE A 290 -8.39 -20.50 12.89
CA PHE A 290 -8.54 -19.16 12.35
C PHE A 290 -9.56 -18.39 13.18
N LYS A 291 -10.65 -19.05 13.56
CA LYS A 291 -11.70 -18.41 14.35
C LYS A 291 -11.19 -18.02 15.73
N GLU A 292 -10.47 -18.92 16.39
CA GLU A 292 -9.94 -18.64 17.72
C GLU A 292 -8.99 -17.45 17.67
N PHE A 293 -8.15 -17.43 16.63
CA PHE A 293 -7.19 -16.35 16.44
C PHE A 293 -7.91 -15.01 16.30
N MET A 294 -8.94 -14.97 15.46
CA MET A 294 -9.71 -13.76 15.22
C MET A 294 -10.36 -13.21 16.49
N LEU A 295 -10.93 -14.11 17.30
CA LEU A 295 -11.60 -13.72 18.53
C LEU A 295 -10.61 -13.23 19.59
N GLU A 296 -9.58 -14.03 19.82
CA GLU A 296 -8.61 -13.66 20.81
C GLU A 296 -7.77 -12.45 20.48
N TRP A 297 -7.42 -12.27 19.21
CA TRP A 297 -6.46 -11.25 18.84
C TRP A 297 -6.97 -10.09 18.05
N ILE A 298 -8.14 -10.21 17.42
CA ILE A 298 -8.63 -9.17 16.47
C ILE A 298 -9.91 -8.52 16.97
N VAL A 299 -10.93 -9.35 17.17
CA VAL A 299 -12.24 -8.86 17.58
C VAL A 299 -12.23 -8.11 18.89
N ALA A 300 -11.60 -8.70 19.90
CA ALA A 300 -11.52 -8.09 21.23
C ALA A 300 -10.83 -6.73 21.16
N GLN A 301 -9.71 -6.68 20.45
CA GLN A 301 -8.94 -5.45 20.30
C GLN A 301 -9.74 -4.34 19.63
N PHE A 302 -10.53 -4.68 18.61
CA PHE A 302 -11.34 -3.68 17.94
C PHE A 302 -12.38 -3.09 18.88
N GLU A 303 -13.07 -3.96 19.62
CA GLU A 303 -14.09 -3.49 20.56
C GLU A 303 -13.44 -2.57 21.58
N ARG A 304 -12.28 -2.97 22.06
CA ARG A 304 -11.50 -2.19 23.02
C ARG A 304 -11.25 -0.81 22.44
N GLN A 305 -10.60 -0.79 21.28
CA GLN A 305 -10.27 0.43 20.56
C GLN A 305 -11.46 1.35 20.25
N LEU A 306 -12.51 0.78 19.68
CA LEU A 306 -13.69 1.58 19.34
C LEU A 306 -14.30 2.21 20.57
N LEU A 307 -14.27 1.48 21.68
CA LEU A 307 -14.82 2.00 22.93
C LEU A 307 -14.04 3.22 23.38
N ASP A 308 -12.71 3.09 23.45
CA ASP A 308 -11.84 4.17 23.89
C ASP A 308 -11.92 5.41 23.02
N LEU A 309 -12.27 5.24 21.75
CA LEU A 309 -12.36 6.36 20.84
C LEU A 309 -13.75 6.99 20.83
N GLY A 310 -14.70 6.33 21.49
CA GLY A 310 -16.05 6.86 21.53
C GLY A 310 -16.84 6.48 20.30
N LEU A 311 -16.47 5.36 19.68
CA LEU A 311 -17.14 4.86 18.49
C LEU A 311 -17.94 3.62 18.84
N ASP A 312 -18.79 3.21 17.93
CA ASP A 312 -19.62 2.02 18.22
C ASP A 312 -19.08 0.82 17.49
N LYS A 313 -19.65 -0.33 17.82
CA LYS A 313 -19.39 -1.53 17.00
C LYS A 313 -20.30 -1.40 15.74
N PRO A 314 -19.45 -1.81 14.67
CA PRO A 314 -20.20 -1.66 13.36
C PRO A 314 -21.55 -2.42 13.32
N TRP A 315 -22.53 -1.94 12.52
CA TRP A 315 -23.84 -2.57 12.45
C TRP A 315 -23.80 -4.06 12.12
N TYR A 316 -22.77 -4.50 11.40
CA TYR A 316 -22.65 -5.90 10.98
C TYR A 316 -21.89 -6.80 11.94
N TRP A 317 -21.49 -6.25 13.09
CA TRP A 317 -20.72 -7.02 14.05
C TRP A 317 -21.21 -8.44 14.35
N ASP A 318 -22.52 -8.60 14.56
CA ASP A 318 -23.07 -9.92 14.86
C ASP A 318 -22.89 -10.90 13.71
N GLN A 319 -23.18 -10.45 12.50
CA GLN A 319 -23.03 -11.31 11.33
C GLN A 319 -21.56 -11.67 11.17
N PHE A 320 -20.71 -10.67 11.38
CA PHE A 320 -19.26 -10.86 11.29
C PHE A 320 -18.84 -11.98 12.24
N MET A 321 -19.45 -12.00 13.42
CA MET A 321 -19.14 -13.01 14.43
C MET A 321 -19.48 -14.41 13.93
N GLN A 322 -20.67 -14.56 13.38
CA GLN A 322 -21.12 -15.86 12.87
C GLN A 322 -20.27 -16.31 11.69
N ASP A 323 -19.97 -15.37 10.79
CA ASP A 323 -19.18 -15.69 9.60
C ASP A 323 -17.81 -16.29 9.88
N LEU A 324 -17.33 -16.13 11.12
CA LEU A 324 -16.02 -16.67 11.48
C LEU A 324 -16.05 -18.20 11.38
N ASP A 325 -17.24 -18.75 11.41
CA ASP A 325 -17.36 -20.17 11.25
C ASP A 325 -17.27 -20.63 9.83
N GLU A 326 -17.63 -19.78 8.86
CA GLU A 326 -17.81 -20.27 7.51
C GLU A 326 -16.91 -19.74 6.44
N THR A 327 -16.84 -18.39 6.44
CA THR A 327 -16.33 -17.63 5.29
C THR A 327 -15.06 -18.19 4.72
N HIS A 328 -14.13 -18.44 5.63
CA HIS A 328 -12.79 -18.84 5.13
C HIS A 328 -12.85 -20.23 4.59
N HIS A 329 -13.79 -21.01 5.10
CA HIS A 329 -13.91 -22.40 4.65
C HIS A 329 -14.33 -22.37 3.17
N GLY A 330 -15.18 -21.40 2.83
CA GLY A 330 -15.62 -21.26 1.45
C GLY A 330 -14.53 -20.73 0.55
N MET A 331 -13.72 -19.81 1.06
CA MET A 331 -12.64 -19.23 0.28
C MET A 331 -11.58 -20.29 0.01
N HIS A 332 -11.38 -21.18 0.99
CA HIS A 332 -10.41 -22.24 0.83
C HIS A 332 -10.90 -23.24 -0.22
N LEU A 333 -12.16 -23.64 -0.11
CA LEU A 333 -12.72 -24.60 -1.07
C LEU A 333 -12.69 -23.99 -2.46
N GLY A 334 -13.04 -22.70 -2.54
CA GLY A 334 -13.02 -22.02 -3.83
C GLY A 334 -11.63 -22.01 -4.43
N VAL A 335 -10.63 -21.63 -3.62
CA VAL A 335 -9.25 -21.58 -4.09
C VAL A 335 -8.72 -22.95 -4.48
N TRP A 336 -9.02 -23.99 -3.70
CA TRP A 336 -8.54 -25.31 -4.05
C TRP A 336 -9.21 -25.82 -5.31
N TYR A 337 -10.54 -25.71 -5.39
CA TYR A 337 -11.24 -26.20 -6.57
C TYR A 337 -10.76 -25.51 -7.84
N TRP A 338 -10.61 -24.19 -7.77
CA TRP A 338 -10.15 -23.40 -8.91
C TRP A 338 -8.63 -23.21 -8.84
N ARG A 339 -7.92 -24.15 -8.22
CA ARG A 339 -6.48 -24.09 -8.00
C ARG A 339 -5.62 -23.66 -9.16
N PRO A 340 -6.15 -24.20 -10.39
CA PRO A 340 -5.24 -23.74 -11.51
C PRO A 340 -5.29 -22.27 -11.82
N THR A 341 -6.11 -21.48 -11.19
CA THR A 341 -6.29 -20.05 -11.41
C THR A 341 -5.44 -19.18 -10.49
N VAL A 342 -4.67 -19.80 -9.61
CA VAL A 342 -3.83 -19.07 -8.66
C VAL A 342 -2.38 -19.46 -8.93
N TRP A 343 -1.43 -18.69 -8.39
CA TRP A 343 -0.01 -18.93 -8.62
C TRP A 343 0.75 -19.76 -7.59
N TRP A 344 0.02 -20.40 -6.68
CA TRP A 344 0.63 -21.24 -5.65
C TRP A 344 -0.17 -22.55 -5.60
N ASP A 345 0.36 -23.55 -4.89
CA ASP A 345 -0.34 -24.85 -4.78
C ASP A 345 -1.17 -24.94 -3.50
N PRO A 346 -2.50 -24.87 -3.64
CA PRO A 346 -3.38 -24.95 -2.46
C PRO A 346 -3.34 -26.35 -1.83
N ALA A 347 -3.28 -26.41 -0.50
CA ALA A 347 -3.26 -27.68 0.20
C ALA A 347 -4.70 -28.01 0.61
N ALA A 348 -5.19 -29.15 0.16
CA ALA A 348 -6.57 -29.57 0.46
C ALA A 348 -6.84 -29.54 1.97
N GLY A 349 -5.94 -30.17 2.73
CA GLY A 349 -6.10 -30.21 4.17
C GLY A 349 -7.35 -30.92 4.67
N VAL A 350 -7.75 -31.99 4.00
CA VAL A 350 -8.94 -32.72 4.43
C VAL A 350 -8.71 -34.21 4.66
N SER A 351 -7.58 -34.54 5.28
CA SER A 351 -7.26 -35.93 5.59
C SER A 351 -8.12 -36.26 6.81
N PRO A 352 -8.25 -37.56 7.13
CA PRO A 352 -9.07 -37.95 8.29
C PRO A 352 -8.70 -37.19 9.56
N GLU A 353 -7.40 -37.12 9.86
CA GLU A 353 -6.92 -36.43 11.04
C GLU A 353 -7.31 -34.95 10.99
N GLU A 354 -7.12 -34.31 9.84
CA GLU A 354 -7.45 -32.91 9.68
C GLU A 354 -8.93 -32.65 9.81
N ARG A 355 -9.74 -33.57 9.28
CA ARG A 355 -11.19 -33.41 9.34
C ARG A 355 -11.75 -33.55 10.77
N GLU A 356 -11.09 -34.33 11.60
CA GLU A 356 -11.56 -34.47 12.98
C GLU A 356 -11.22 -33.19 13.75
N TRP A 357 -10.07 -32.60 13.42
CA TRP A 357 -9.63 -31.36 14.04
C TRP A 357 -10.63 -30.26 13.67
N LEU A 358 -10.97 -30.22 12.39
CA LEU A 358 -11.92 -29.25 11.85
C LEU A 358 -13.27 -29.37 12.54
N GLU A 359 -13.66 -30.60 12.87
CA GLU A 359 -14.94 -30.84 13.53
C GLU A 359 -14.88 -30.30 14.96
N GLU A 360 -13.71 -30.39 15.57
CA GLU A 360 -13.52 -29.90 16.93
C GLU A 360 -13.65 -28.38 16.95
N LYS A 361 -12.87 -27.73 16.09
CA LYS A 361 -12.86 -26.28 16.00
C LYS A 361 -14.13 -25.69 15.39
N TYR A 362 -14.82 -26.47 14.57
CA TYR A 362 -16.04 -25.99 13.93
C TYR A 362 -17.11 -27.06 13.90
N PRO A 363 -17.83 -27.24 15.01
CA PRO A 363 -18.89 -28.26 15.08
C PRO A 363 -19.88 -28.09 13.93
N GLY A 364 -20.04 -29.14 13.13
CA GLY A 364 -20.96 -29.10 12.01
C GLY A 364 -20.24 -29.01 10.68
N TRP A 365 -18.92 -28.92 10.72
CA TRP A 365 -18.10 -28.82 9.51
C TRP A 365 -18.29 -30.01 8.56
N ASN A 366 -18.17 -31.22 9.11
CA ASN A 366 -18.31 -32.42 8.30
C ASN A 366 -19.68 -32.60 7.67
N ASP A 367 -20.72 -32.08 8.33
CA ASP A 367 -22.05 -32.17 7.76
C ASP A 367 -22.31 -31.14 6.69
N THR A 368 -21.53 -30.06 6.81
CA THR A 368 -21.70 -29.00 5.77
C THR A 368 -20.61 -29.03 4.73
N TRP A 369 -19.40 -28.55 5.08
CA TRP A 369 -18.24 -28.40 4.25
C TRP A 369 -17.72 -29.75 3.84
N GLY A 370 -17.76 -30.67 4.81
CA GLY A 370 -17.28 -32.01 4.57
C GLY A 370 -18.00 -32.69 3.42
N GLN A 371 -19.27 -32.33 3.22
CA GLN A 371 -20.07 -32.90 2.15
C GLN A 371 -19.39 -32.68 0.79
N CYS A 372 -19.06 -31.43 0.49
CA CYS A 372 -18.41 -31.12 -0.79
C CYS A 372 -17.10 -31.90 -0.90
N TRP A 373 -16.32 -31.89 0.17
CA TRP A 373 -15.05 -32.60 0.17
C TRP A 373 -15.23 -34.11 0.04
N ASP A 374 -16.40 -34.62 0.41
CA ASP A 374 -16.67 -36.06 0.29
C ASP A 374 -16.72 -36.42 -1.19
N VAL A 375 -17.49 -35.64 -1.95
CA VAL A 375 -17.62 -35.88 -3.39
C VAL A 375 -16.27 -35.76 -4.07
N ILE A 376 -15.51 -34.74 -3.69
CA ILE A 376 -14.19 -34.52 -4.29
C ILE A 376 -13.30 -35.73 -4.06
N THR A 377 -13.27 -36.20 -2.82
CA THR A 377 -12.44 -37.34 -2.44
C THR A 377 -12.82 -38.61 -3.20
N ASP A 378 -14.12 -38.94 -3.23
CA ASP A 378 -14.57 -40.14 -3.93
C ASP A 378 -14.07 -40.13 -5.37
N ASN A 379 -14.23 -38.98 -6.02
CA ASN A 379 -13.80 -38.81 -7.41
C ASN A 379 -12.29 -39.05 -7.55
N LEU A 380 -11.52 -38.58 -6.57
CA LEU A 380 -10.08 -38.75 -6.61
C LEU A 380 -9.73 -40.22 -6.36
N VAL A 381 -10.47 -40.85 -5.45
CA VAL A 381 -10.25 -42.25 -5.14
C VAL A 381 -10.62 -43.11 -6.35
N ASN A 382 -11.73 -42.76 -6.99
CA ASN A 382 -12.19 -43.51 -8.15
C ASN A 382 -11.62 -43.06 -9.47
N GLY A 383 -10.46 -42.39 -9.43
CA GLY A 383 -9.81 -41.96 -10.64
C GLY A 383 -10.56 -41.00 -11.54
N LYS A 384 -11.30 -40.07 -10.96
CA LYS A 384 -12.04 -39.08 -11.74
C LYS A 384 -11.60 -37.68 -11.34
N PRO A 385 -10.30 -37.36 -11.49
CA PRO A 385 -9.70 -36.05 -11.15
C PRO A 385 -10.20 -34.88 -11.98
N GLU A 386 -10.62 -35.13 -13.20
CA GLU A 386 -11.30 -34.22 -14.09
C GLU A 386 -12.56 -33.59 -13.49
N LEU A 387 -13.15 -34.21 -12.52
CA LEU A 387 -14.30 -33.65 -11.81
C LEU A 387 -13.91 -32.81 -10.58
N THR A 388 -12.61 -32.62 -10.32
CA THR A 388 -12.17 -31.83 -9.18
C THR A 388 -11.61 -30.47 -9.60
N VAL A 389 -11.69 -30.20 -10.86
CA VAL A 389 -11.33 -28.92 -11.49
C VAL A 389 -12.63 -28.48 -12.26
N PRO A 390 -12.56 -27.06 -12.22
CA PRO A 390 -13.79 -26.43 -12.85
C PRO A 390 -13.79 -26.32 -14.34
N GLU A 391 -14.98 -25.97 -14.87
CA GLU A 391 -15.28 -25.77 -16.29
C GLU A 391 -16.06 -24.49 -16.53
N THR A 392 -16.11 -23.69 -15.46
CA THR A 392 -16.75 -22.38 -15.51
C THR A 392 -16.15 -21.48 -14.45
N LEU A 393 -16.60 -20.23 -14.41
CA LEU A 393 -16.11 -19.25 -13.44
C LEU A 393 -17.11 -19.10 -12.31
N PRO A 394 -16.61 -18.84 -11.09
CA PRO A 394 -17.57 -18.68 -9.98
C PRO A 394 -18.10 -17.26 -10.05
N THR A 395 -19.24 -17.02 -9.41
CA THR A 395 -19.80 -15.68 -9.39
C THR A 395 -18.91 -14.84 -8.48
N ILE A 396 -18.50 -13.67 -8.94
CA ILE A 396 -17.62 -12.79 -8.18
C ILE A 396 -18.35 -11.60 -7.56
N CYS A 397 -18.01 -11.28 -6.32
CA CYS A 397 -18.62 -10.14 -5.63
C CYS A 397 -18.09 -8.86 -6.27
N ASN A 398 -18.98 -7.93 -6.57
CA ASN A 398 -18.56 -6.67 -7.18
C ASN A 398 -17.87 -5.69 -6.23
N MET A 399 -17.77 -6.05 -4.95
CA MET A 399 -17.09 -5.19 -3.99
C MET A 399 -15.74 -5.82 -3.63
N CYS A 400 -15.77 -6.99 -3.00
CA CYS A 400 -14.52 -7.65 -2.60
C CYS A 400 -13.82 -8.42 -3.72
N ASN A 401 -14.50 -8.60 -4.85
CA ASN A 401 -13.95 -9.31 -6.01
C ASN A 401 -13.49 -10.72 -5.65
N LEU A 402 -14.18 -11.31 -4.69
CA LEU A 402 -13.91 -12.67 -4.27
C LEU A 402 -15.16 -13.49 -4.61
N PRO A 403 -15.02 -14.81 -4.71
CA PRO A 403 -16.16 -15.67 -5.04
C PRO A 403 -17.26 -15.57 -4.00
N ILE A 404 -18.51 -15.61 -4.46
CA ILE A 404 -19.66 -15.55 -3.55
C ILE A 404 -19.91 -16.99 -3.09
N ALA A 405 -19.47 -17.30 -1.87
CA ALA A 405 -19.61 -18.65 -1.33
C ALA A 405 -20.02 -18.66 0.14
N HIS A 406 -20.67 -19.73 0.57
CA HIS A 406 -21.10 -19.85 1.96
C HIS A 406 -21.43 -21.30 2.33
N THR A 407 -22.03 -21.50 3.50
CA THR A 407 -22.37 -22.82 4.01
C THR A 407 -23.12 -23.75 3.04
N PRO A 408 -22.55 -24.94 2.76
CA PRO A 408 -23.13 -25.94 1.87
C PRO A 408 -23.65 -27.15 2.65
N GLY A 409 -24.00 -28.21 1.94
CA GLY A 409 -24.47 -29.43 2.59
C GLY A 409 -25.77 -29.37 3.37
N ASN A 410 -25.76 -29.95 4.57
CA ASN A 410 -26.95 -30.02 5.42
C ASN A 410 -27.50 -28.69 5.94
N LYS A 411 -26.69 -27.64 5.88
CA LYS A 411 -27.14 -26.34 6.33
C LYS A 411 -26.93 -25.31 5.23
N TRP A 412 -27.27 -25.71 4.01
CA TRP A 412 -27.10 -24.85 2.83
C TRP A 412 -27.61 -23.44 3.08
N ASN A 413 -26.71 -22.46 2.94
CA ASN A 413 -27.09 -21.08 3.19
C ASN A 413 -26.29 -20.10 2.31
N VAL A 414 -26.19 -20.40 1.03
CA VAL A 414 -25.47 -19.55 0.09
C VAL A 414 -26.42 -18.49 -0.46
N LYS A 415 -26.05 -17.22 -0.27
CA LYS A 415 -26.90 -16.13 -0.73
C LYS A 415 -26.15 -15.06 -1.52
N ASP A 416 -26.90 -14.40 -2.40
CA ASP A 416 -26.37 -13.35 -3.24
C ASP A 416 -27.18 -12.09 -2.95
N TYR A 417 -26.49 -11.03 -2.55
CA TYR A 417 -27.14 -9.77 -2.24
C TYR A 417 -27.08 -8.88 -3.46
N GLN A 418 -27.88 -9.23 -4.45
CA GLN A 418 -27.94 -8.52 -5.72
C GLN A 418 -28.41 -7.10 -5.58
N LEU A 419 -28.07 -6.29 -6.57
CA LEU A 419 -28.45 -4.88 -6.61
C LEU A 419 -28.48 -4.38 -8.03
N GLU A 420 -29.61 -3.79 -8.41
CA GLU A 420 -29.74 -3.22 -9.74
C GLU A 420 -29.53 -1.74 -9.53
N TYR A 421 -28.59 -1.18 -10.28
CA TYR A 421 -28.27 0.24 -10.19
C TYR A 421 -28.04 0.79 -11.60
N GLU A 422 -28.87 1.75 -11.98
CA GLU A 422 -28.78 2.37 -13.28
C GLU A 422 -28.66 1.39 -14.45
N GLY A 423 -29.56 0.41 -14.49
CA GLY A 423 -29.57 -0.56 -15.57
C GLY A 423 -28.62 -1.75 -15.50
N ARG A 424 -27.78 -1.79 -14.47
CA ARG A 424 -26.84 -2.90 -14.34
C ARG A 424 -27.14 -3.71 -13.09
N LEU A 425 -26.91 -5.01 -13.17
CA LEU A 425 -27.14 -5.91 -12.05
C LEU A 425 -25.80 -6.26 -11.41
N TYR A 426 -25.64 -5.90 -10.15
CA TYR A 426 -24.41 -6.18 -9.40
C TYR A 426 -24.67 -7.32 -8.45
N HIS A 427 -23.62 -8.08 -8.15
CA HIS A 427 -23.70 -9.20 -7.23
C HIS A 427 -22.77 -8.97 -6.06
N PHE A 428 -23.23 -9.29 -4.86
CA PHE A 428 -22.43 -9.10 -3.67
C PHE A 428 -22.44 -10.34 -2.79
N GLY A 429 -21.27 -10.66 -2.25
CA GLY A 429 -21.13 -11.84 -1.42
C GLY A 429 -21.65 -11.70 0.01
N SER A 430 -22.20 -10.53 0.32
CA SER A 430 -22.73 -10.31 1.67
C SER A 430 -23.51 -9.02 1.74
N GLU A 431 -24.18 -8.82 2.87
CA GLU A 431 -24.98 -7.64 3.12
C GLU A 431 -24.08 -6.40 3.18
N ALA A 432 -23.01 -6.49 3.96
CA ALA A 432 -22.07 -5.39 4.13
C ALA A 432 -21.36 -5.02 2.82
N ASP A 433 -21.05 -6.02 2.00
CA ASP A 433 -20.39 -5.74 0.72
C ASP A 433 -21.30 -4.88 -0.15
N ARG A 434 -22.58 -5.23 -0.19
CA ARG A 434 -23.53 -4.46 -0.98
C ARG A 434 -23.66 -3.06 -0.36
N TRP A 435 -23.65 -3.00 0.97
CA TRP A 435 -23.74 -1.73 1.69
C TRP A 435 -22.57 -0.82 1.30
N CYS A 436 -21.35 -1.37 1.27
CA CYS A 436 -20.19 -0.56 0.90
C CYS A 436 -20.42 0.11 -0.45
N PHE A 437 -21.09 -0.59 -1.35
CA PHE A 437 -21.37 -0.05 -2.67
C PHE A 437 -22.45 1.05 -2.59
N GLN A 438 -23.55 0.76 -1.90
CA GLN A 438 -24.66 1.70 -1.80
C GLN A 438 -24.39 3.03 -1.09
N ILE A 439 -23.46 3.05 -0.13
CA ILE A 439 -23.19 4.32 0.53
C ILE A 439 -22.32 5.23 -0.34
N ASP A 440 -21.75 4.67 -1.42
CA ASP A 440 -20.90 5.47 -2.29
C ASP A 440 -20.76 4.81 -3.67
N PRO A 441 -21.88 4.70 -4.41
CA PRO A 441 -21.94 4.08 -5.73
C PRO A 441 -21.00 4.63 -6.81
N GLU A 442 -20.77 5.94 -6.81
CA GLU A 442 -19.90 6.55 -7.81
C GLU A 442 -18.46 6.09 -7.71
N ARG A 443 -18.08 5.61 -6.54
CA ARG A 443 -16.71 5.13 -6.33
C ARG A 443 -16.46 3.77 -6.98
N TYR A 444 -17.53 2.98 -7.15
CA TYR A 444 -17.39 1.63 -7.66
C TYR A 444 -18.08 1.39 -9.00
N LYS A 445 -19.11 2.17 -9.30
CA LYS A 445 -20.01 2.08 -10.41
C LYS A 445 -19.54 1.37 -11.64
N ASN A 446 -18.58 1.87 -12.36
CA ASN A 446 -18.22 1.26 -13.67
C ASN A 446 -17.07 0.31 -13.58
N HIS A 447 -16.70 -0.11 -12.39
CA HIS A 447 -15.61 -1.06 -12.26
C HIS A 447 -16.21 -2.41 -12.67
N THR A 448 -15.37 -3.28 -13.23
CA THR A 448 -15.86 -4.60 -13.65
C THR A 448 -14.99 -5.69 -13.07
N ASN A 449 -15.61 -6.72 -12.51
CA ASN A 449 -14.85 -7.83 -11.96
C ASN A 449 -14.56 -8.80 -13.11
N LEU A 450 -13.80 -9.85 -12.82
CA LEU A 450 -13.43 -10.83 -13.84
C LEU A 450 -14.60 -11.38 -14.67
N VAL A 451 -15.70 -11.70 -14.02
CA VAL A 451 -16.88 -12.24 -14.68
C VAL A 451 -17.51 -11.21 -15.59
N ASP A 452 -17.63 -9.97 -15.11
CA ASP A 452 -18.21 -8.89 -15.91
C ASP A 452 -17.42 -8.74 -17.21
N ARG A 453 -16.09 -8.83 -17.10
CA ARG A 453 -15.23 -8.70 -18.27
C ARG A 453 -15.41 -9.88 -19.21
N PHE A 454 -15.51 -11.07 -18.64
CA PHE A 454 -15.70 -12.28 -19.43
C PHE A 454 -17.00 -12.15 -20.23
N LEU A 455 -18.06 -11.70 -19.56
CA LEU A 455 -19.36 -11.55 -20.19
C LEU A 455 -19.44 -10.37 -21.16
N LYS A 456 -18.51 -9.43 -21.03
CA LYS A 456 -18.49 -8.27 -21.93
C LYS A 456 -17.70 -8.56 -23.19
N GLY A 457 -16.98 -9.67 -23.21
CA GLY A 457 -16.19 -10.03 -24.38
C GLY A 457 -14.75 -9.58 -24.31
N GLU A 458 -14.31 -9.10 -23.15
CA GLU A 458 -12.94 -8.61 -23.02
C GLU A 458 -11.93 -9.73 -22.83
N ILE A 459 -12.41 -10.95 -22.60
CA ILE A 459 -11.53 -12.10 -22.44
C ILE A 459 -11.71 -12.97 -23.68
N GLN A 460 -10.67 -13.04 -24.50
CA GLN A 460 -10.69 -13.78 -25.77
C GLN A 460 -9.42 -14.61 -25.95
N PRO A 461 -9.55 -15.88 -26.34
CA PRO A 461 -10.81 -16.57 -26.61
C PRO A 461 -11.67 -16.67 -25.34
N ALA A 462 -12.98 -16.66 -25.52
CA ALA A 462 -13.90 -16.67 -24.40
C ALA A 462 -14.14 -18.04 -23.77
N ASP A 463 -13.09 -18.63 -23.22
CA ASP A 463 -13.19 -19.91 -22.54
C ASP A 463 -12.18 -19.93 -21.41
N LEU A 464 -12.11 -21.03 -20.67
CA LEU A 464 -11.18 -21.12 -19.56
C LEU A 464 -9.72 -20.96 -19.95
N ALA A 465 -9.32 -21.62 -21.04
CA ALA A 465 -7.94 -21.51 -21.50
C ALA A 465 -7.66 -20.04 -21.81
N GLY A 466 -8.68 -19.35 -22.33
CA GLY A 466 -8.53 -17.94 -22.65
C GLY A 466 -8.46 -17.10 -21.39
N ALA A 467 -9.30 -17.43 -20.41
CA ALA A 467 -9.31 -16.70 -19.15
C ALA A 467 -7.96 -16.86 -18.46
N LEU A 468 -7.37 -18.04 -18.58
CA LEU A 468 -6.07 -18.30 -17.98
C LEU A 468 -4.98 -17.43 -18.60
N MET A 469 -5.01 -17.26 -19.92
CA MET A 469 -3.99 -16.42 -20.58
C MET A 469 -4.24 -14.95 -20.22
N TYR A 470 -5.50 -14.58 -20.09
CA TYR A 470 -5.85 -13.23 -19.72
C TYR A 470 -5.28 -12.89 -18.34
N MET A 471 -5.16 -13.90 -17.49
CA MET A 471 -4.63 -13.76 -16.13
C MET A 471 -3.13 -14.02 -16.04
N SER A 472 -2.48 -14.11 -17.20
CA SER A 472 -1.04 -14.38 -17.29
C SER A 472 -0.61 -15.71 -16.67
N LEU A 473 -1.53 -16.66 -16.57
CA LEU A 473 -1.21 -17.97 -15.99
C LEU A 473 -0.87 -19.02 -17.05
N GLU A 474 0.25 -19.72 -16.83
CA GLU A 474 0.71 -20.75 -17.74
C GLU A 474 1.21 -21.95 -16.95
N PRO A 475 1.28 -23.13 -17.58
CA PRO A 475 1.76 -24.32 -16.87
C PRO A 475 3.10 -24.00 -16.20
N GLY A 476 3.26 -24.43 -14.95
CA GLY A 476 4.48 -24.14 -14.24
C GLY A 476 4.17 -23.25 -13.05
N VAL A 477 3.23 -22.32 -13.24
CA VAL A 477 2.81 -21.44 -12.15
C VAL A 477 1.37 -21.78 -11.75
N MET A 478 0.58 -22.25 -12.70
CA MET A 478 -0.82 -22.63 -12.42
C MET A 478 -0.82 -23.61 -11.25
N GLY A 479 -1.68 -23.34 -10.27
CA GLY A 479 -1.72 -24.20 -9.09
C GLY A 479 -2.34 -25.57 -9.18
N ASP A 480 -1.92 -26.44 -8.26
CA ASP A 480 -2.43 -27.80 -8.17
C ASP A 480 -2.36 -28.17 -6.68
N ASP A 481 -2.76 -29.39 -6.32
CA ASP A 481 -2.74 -29.81 -4.92
C ASP A 481 -1.30 -29.79 -4.36
N ALA A 482 -1.14 -29.13 -3.23
CA ALA A 482 0.17 -28.99 -2.57
C ALA A 482 0.94 -30.29 -2.35
N HIS A 483 0.30 -31.27 -1.71
CA HIS A 483 0.95 -32.55 -1.44
C HIS A 483 0.73 -33.58 -2.53
N ASP A 484 0.40 -33.10 -3.72
CA ASP A 484 0.16 -33.96 -4.88
C ASP A 484 -0.82 -35.11 -4.58
N TYR A 485 -1.94 -34.78 -3.95
CA TYR A 485 -2.97 -35.77 -3.65
C TYR A 485 -2.52 -36.90 -2.74
N GLU A 486 -1.44 -36.69 -2.01
CA GLU A 486 -0.92 -37.69 -1.10
C GLU A 486 -2.00 -38.13 -0.12
N TRP A 487 -2.74 -37.16 0.40
CA TRP A 487 -3.81 -37.41 1.37
C TRP A 487 -4.93 -38.31 0.89
N VAL A 488 -5.01 -38.54 -0.41
CA VAL A 488 -6.06 -39.39 -0.97
C VAL A 488 -5.89 -40.86 -0.58
N LYS A 489 -4.64 -41.30 -0.45
CA LYS A 489 -4.33 -42.67 -0.07
C LYS A 489 -5.00 -43.11 1.22
N ALA A 490 -5.30 -42.16 2.10
CA ALA A 490 -5.94 -42.46 3.37
C ALA A 490 -7.37 -42.94 3.16
N TYR A 491 -7.86 -42.79 1.94
CA TYR A 491 -9.22 -43.21 1.59
C TYR A 491 -9.19 -44.30 0.51
N GLN A 492 -7.99 -44.75 0.17
CA GLN A 492 -7.72 -45.78 -0.85
C GLN A 492 -7.30 -45.12 -2.16
N ALA B 8 5.95 -26.33 -20.01
CA ALA B 8 5.88 -25.58 -18.76
C ALA B 8 6.95 -24.49 -18.71
N LEU B 9 6.70 -23.48 -17.88
CA LEU B 9 7.63 -22.36 -17.71
C LEU B 9 8.81 -22.76 -16.84
N LYS B 10 10.02 -22.53 -17.34
CA LYS B 10 11.23 -22.86 -16.59
C LYS B 10 11.64 -21.67 -15.74
N PRO B 11 12.12 -21.93 -14.51
CA PRO B 11 12.54 -20.82 -13.65
C PRO B 11 13.71 -20.02 -14.24
N LEU B 12 13.72 -18.71 -14.00
CA LEU B 12 14.78 -17.84 -14.49
C LEU B 12 15.85 -17.64 -13.43
N LYS B 13 16.89 -16.90 -13.77
CA LYS B 13 17.96 -16.62 -12.83
C LYS B 13 17.73 -15.27 -12.19
N THR B 14 16.70 -14.57 -12.65
CA THR B 14 16.36 -13.25 -12.11
C THR B 14 14.87 -12.98 -12.34
N TRP B 15 14.40 -11.79 -12.00
CA TRP B 15 12.99 -11.44 -12.20
C TRP B 15 12.74 -11.51 -13.72
N SER B 16 11.55 -11.92 -14.11
CA SER B 16 11.23 -12.03 -15.53
C SER B 16 11.31 -10.69 -16.27
N HIS B 17 11.08 -9.58 -15.57
CA HIS B 17 11.14 -8.29 -16.26
C HIS B 17 12.57 -7.81 -16.44
N LEU B 18 13.51 -8.52 -15.81
CA LEU B 18 14.92 -8.17 -15.92
C LEU B 18 15.68 -9.24 -16.71
N ALA B 19 14.97 -10.29 -17.10
CA ALA B 19 15.56 -11.40 -17.85
C ALA B 19 16.22 -10.89 -19.14
N GLY B 20 17.42 -11.37 -19.41
CA GLY B 20 18.12 -10.92 -20.61
C GLY B 20 18.53 -9.47 -20.43
N ASN B 21 19.04 -9.17 -19.24
CA ASN B 21 19.48 -7.82 -18.89
C ASN B 21 20.98 -7.72 -19.20
N ARG B 22 21.55 -8.84 -19.65
CA ARG B 22 22.98 -8.94 -19.99
C ARG B 22 23.81 -9.23 -18.75
N ARG B 23 23.94 -8.23 -17.88
CA ARG B 23 24.71 -8.39 -16.65
C ARG B 23 23.78 -8.74 -15.48
N ARG B 24 24.30 -9.51 -14.52
CA ARG B 24 23.55 -9.93 -13.35
C ARG B 24 22.94 -8.71 -12.64
N PRO B 25 21.62 -8.73 -12.39
CA PRO B 25 20.95 -7.61 -11.72
C PRO B 25 21.48 -7.33 -10.32
N SER B 26 21.68 -6.06 -10.00
CA SER B 26 22.18 -5.66 -8.68
C SER B 26 21.02 -5.66 -7.66
N GLU B 27 21.37 -5.59 -6.38
CA GLU B 27 20.37 -5.54 -5.30
C GLU B 27 19.44 -4.37 -5.61
N TYR B 28 20.03 -3.24 -5.99
CA TYR B 28 19.26 -2.04 -6.32
C TYR B 28 18.19 -2.30 -7.39
N GLU B 29 18.58 -2.92 -8.51
CA GLU B 29 17.63 -3.21 -9.57
C GLU B 29 16.60 -4.25 -9.13
N VAL B 30 17.05 -5.21 -8.34
CA VAL B 30 16.18 -6.26 -7.85
C VAL B 30 15.02 -5.73 -7.00
N VAL B 31 15.29 -4.75 -6.14
CA VAL B 31 14.29 -4.23 -5.24
C VAL B 31 13.58 -2.99 -5.65
N SER B 32 14.05 -2.30 -6.73
CA SER B 32 13.47 -1.01 -7.01
C SER B 32 12.69 -0.88 -8.28
N THR B 33 12.88 -1.79 -9.24
CA THR B 33 12.39 -1.57 -10.59
C THR B 33 11.03 -2.12 -10.90
N ASN B 34 10.30 -1.32 -11.67
CA ASN B 34 9.00 -1.67 -12.26
C ASN B 34 8.03 -2.06 -11.19
N LEU B 35 7.97 -1.25 -10.10
CA LEU B 35 7.09 -1.55 -8.98
C LEU B 35 5.70 -0.91 -9.02
N HIS B 36 5.58 0.24 -9.67
CA HIS B 36 4.27 0.89 -9.74
C HIS B 36 3.34 0.10 -10.68
N TYR B 37 2.10 -0.10 -10.24
CA TYR B 37 1.14 -0.83 -11.05
C TYR B 37 0.02 0.09 -11.57
N PHE B 38 -0.02 1.33 -11.10
CA PHE B 38 -1.04 2.26 -11.56
C PHE B 38 -0.76 2.68 -12.99
N THR B 39 0.46 2.48 -13.45
CA THR B 39 0.78 2.82 -14.83
C THR B 39 0.42 1.68 -15.80
N ASP B 40 -0.07 0.55 -15.26
CA ASP B 40 -0.45 -0.57 -16.11
C ASP B 40 -1.67 -0.26 -16.98
N ASN B 41 -2.62 0.50 -16.44
CA ASN B 41 -3.83 0.88 -17.19
C ASN B 41 -4.02 2.40 -17.14
N PRO B 42 -3.43 3.12 -18.10
CA PRO B 42 -3.52 4.58 -18.18
C PRO B 42 -4.95 5.14 -18.15
N GLU B 43 -5.92 4.37 -18.65
CA GLU B 43 -7.31 4.82 -18.69
C GLU B 43 -8.07 4.60 -17.37
N ARG B 44 -7.52 3.77 -16.50
CA ARG B 44 -8.13 3.47 -15.21
C ARG B 44 -7.00 2.97 -14.31
N PRO B 45 -6.12 3.88 -13.88
CA PRO B 45 -5.01 3.46 -13.03
C PRO B 45 -5.34 2.67 -11.77
N TRP B 46 -6.41 3.04 -11.08
CA TRP B 46 -6.79 2.35 -9.86
C TRP B 46 -7.93 1.36 -10.08
N GLU B 47 -7.94 0.29 -9.29
CA GLU B 47 -8.93 -0.77 -9.42
C GLU B 47 -10.31 -0.38 -8.86
N LEU B 48 -10.89 0.69 -9.41
CA LEU B 48 -12.20 1.19 -8.96
C LEU B 48 -12.86 1.92 -10.14
N ASP B 49 -13.93 2.68 -9.86
CA ASP B 49 -14.62 3.45 -10.89
C ASP B 49 -13.58 4.37 -11.53
N SER B 50 -13.62 4.51 -12.85
CA SER B 50 -12.65 5.33 -13.57
C SER B 50 -12.85 6.83 -13.46
N ASN B 51 -13.96 7.25 -12.85
CA ASN B 51 -14.25 8.68 -12.72
C ASN B 51 -13.95 9.28 -11.35
N LEU B 52 -13.41 8.48 -10.42
CA LEU B 52 -13.06 8.98 -9.10
C LEU B 52 -12.04 10.11 -9.24
N PRO B 53 -12.06 11.07 -8.30
CA PRO B 53 -11.13 12.20 -8.33
C PRO B 53 -9.65 11.79 -8.44
N MET B 54 -9.26 10.70 -7.77
CA MET B 54 -7.85 10.27 -7.83
C MET B 54 -7.49 9.68 -9.19
N GLN B 55 -8.45 9.09 -9.88
CA GLN B 55 -8.21 8.54 -11.21
C GLN B 55 -7.85 9.74 -12.08
N THR B 56 -8.70 10.76 -12.02
CA THR B 56 -8.52 11.99 -12.78
C THR B 56 -7.20 12.70 -12.44
N TRP B 57 -6.86 12.70 -11.17
CA TRP B 57 -5.63 13.34 -10.71
C TRP B 57 -4.40 12.71 -11.38
N TYR B 58 -4.32 11.39 -11.38
CA TYR B 58 -3.15 10.75 -11.98
C TYR B 58 -3.13 10.83 -13.50
N LYS B 59 -4.31 10.80 -14.12
CA LYS B 59 -4.37 10.89 -15.57
C LYS B 59 -3.93 12.28 -16.01
N LYS B 60 -4.36 13.30 -15.27
CA LYS B 60 -4.00 14.67 -15.61
C LYS B 60 -2.58 15.09 -15.23
N TYR B 61 -2.13 14.73 -14.02
CA TYR B 61 -0.81 15.15 -13.57
C TYR B 61 0.35 14.19 -13.74
N CYS B 62 0.06 12.93 -14.03
CA CYS B 62 1.12 11.99 -14.26
C CYS B 62 1.16 11.66 -15.75
N PHE B 63 0.13 10.97 -16.23
CA PHE B 63 0.05 10.55 -17.62
C PHE B 63 0.08 11.64 -18.69
N ASP B 64 -0.65 12.73 -18.46
CA ASP B 64 -0.70 13.81 -19.44
C ASP B 64 0.42 14.86 -19.35
N SER B 65 1.42 14.61 -18.53
CA SER B 65 2.51 15.58 -18.41
C SER B 65 3.21 15.74 -19.76
N PRO B 66 3.64 16.97 -20.10
CA PRO B 66 4.54 17.23 -21.18
C PRO B 66 5.95 16.72 -21.19
N LEU B 67 6.55 16.34 -20.12
CA LEU B 67 7.73 15.49 -19.95
C LEU B 67 7.34 14.05 -20.33
N LYS B 68 8.04 13.55 -21.35
CA LYS B 68 7.64 12.22 -21.87
C LYS B 68 8.78 11.24 -21.99
N HIS B 69 8.39 9.99 -21.89
CA HIS B 69 9.35 8.93 -22.29
C HIS B 69 8.52 7.70 -22.66
N ASP B 70 9.09 6.87 -23.35
CA ASP B 70 8.40 5.61 -23.63
C ASP B 70 8.60 4.62 -22.52
N ASP B 71 9.67 4.80 -21.75
CA ASP B 71 9.98 3.84 -20.71
C ASP B 71 10.64 4.46 -19.48
N TRP B 72 9.88 5.23 -18.71
CA TRP B 72 10.41 5.88 -17.51
C TRP B 72 10.97 4.85 -16.56
N ASN B 73 10.47 3.63 -16.60
CA ASN B 73 10.98 2.60 -15.70
C ASN B 73 12.45 2.25 -15.94
N ALA B 74 13.02 2.74 -17.04
CA ALA B 74 14.43 2.48 -17.32
C ALA B 74 15.33 3.40 -16.49
N PHE B 75 14.75 4.41 -15.85
CA PHE B 75 15.55 5.31 -15.03
C PHE B 75 16.29 4.56 -13.94
N ARG B 76 17.51 4.99 -13.66
CA ARG B 76 18.34 4.36 -12.63
C ARG B 76 19.02 5.45 -11.80
N ASP B 77 18.88 5.35 -10.47
CA ASP B 77 19.51 6.31 -9.56
C ASP B 77 21.02 6.11 -9.68
N PRO B 78 21.78 7.18 -9.94
CA PRO B 78 23.24 7.04 -10.05
C PRO B 78 23.90 6.59 -8.74
N ASP B 79 23.29 6.92 -7.60
CA ASP B 79 23.85 6.50 -6.31
C ASP B 79 23.32 5.12 -5.92
N GLN B 80 22.35 4.61 -6.70
CA GLN B 80 21.76 3.29 -6.47
C GLN B 80 21.29 3.09 -5.04
N LEU B 81 20.75 4.14 -4.44
CA LEU B 81 20.29 4.05 -3.08
C LEU B 81 19.10 3.09 -2.90
N VAL B 82 19.30 2.28 -1.91
CA VAL B 82 18.34 1.27 -1.38
C VAL B 82 18.02 1.68 0.04
N TYR B 83 16.99 1.11 0.64
CA TYR B 83 16.68 1.44 2.05
C TYR B 83 17.83 1.08 2.96
N ARG B 84 18.28 -0.16 2.76
CA ARG B 84 19.37 -0.72 3.56
C ARG B 84 20.63 0.16 3.51
N THR B 85 21.03 0.55 2.31
CA THR B 85 22.23 1.37 2.16
C THR B 85 22.01 2.83 2.52
N TYR B 86 20.77 3.30 2.39
CA TYR B 86 20.45 4.68 2.76
C TYR B 86 20.70 4.81 4.26
N ASN B 87 20.17 3.88 5.05
CA ASN B 87 20.34 3.93 6.50
C ASN B 87 21.79 3.74 6.95
N LEU B 88 22.56 2.91 6.25
CA LEU B 88 23.97 2.71 6.60
C LEU B 88 24.73 4.01 6.36
N LEU B 89 24.44 4.64 5.24
CA LEU B 89 25.07 5.90 4.86
C LEU B 89 24.73 7.00 5.86
N GLN B 90 23.44 7.25 6.05
CA GLN B 90 23.02 8.31 6.96
C GLN B 90 23.29 8.05 8.44
N ASP B 91 23.36 6.80 8.84
CA ASP B 91 23.67 6.52 10.24
C ASP B 91 25.11 6.98 10.49
N GLY B 92 25.97 6.80 9.49
CA GLY B 92 27.35 7.25 9.63
C GLY B 92 27.42 8.76 9.67
N GLN B 93 26.69 9.42 8.76
CA GLN B 93 26.67 10.87 8.71
C GLN B 93 26.05 11.49 9.98
N GLU B 94 25.04 10.83 10.56
CA GLU B 94 24.43 11.36 11.79
C GLU B 94 25.37 11.17 12.98
N SER B 95 26.17 10.11 12.95
CA SER B 95 27.13 9.87 14.04
C SER B 95 28.08 11.05 14.04
N TYR B 96 28.38 11.56 12.85
CA TYR B 96 29.28 12.70 12.71
C TYR B 96 28.61 13.97 13.23
N VAL B 97 27.41 14.26 12.73
CA VAL B 97 26.69 15.45 13.16
C VAL B 97 26.36 15.41 14.65
N GLN B 98 25.94 14.26 15.15
CA GLN B 98 25.63 14.15 16.58
C GLN B 98 26.88 14.37 17.42
N GLY B 99 28.02 13.86 16.93
CA GLY B 99 29.26 14.03 17.63
C GLY B 99 29.63 15.51 17.71
N LEU B 100 29.40 16.23 16.63
CA LEU B 100 29.67 17.67 16.58
C LEU B 100 28.82 18.39 17.61
N PHE B 101 27.53 18.07 17.64
CA PHE B 101 26.59 18.69 18.57
C PHE B 101 27.04 18.43 20.00
N ASP B 102 27.23 17.17 20.32
CA ASP B 102 27.65 16.73 21.64
C ASP B 102 28.96 17.35 22.13
N GLN B 103 29.99 17.27 21.30
CA GLN B 103 31.28 17.78 21.71
C GLN B 103 31.46 19.29 21.62
N LEU B 104 30.78 19.94 20.68
CA LEU B 104 30.89 21.39 20.61
C LEU B 104 30.11 21.96 21.80
N ASN B 105 29.09 21.23 22.24
CA ASN B 105 28.32 21.67 23.41
C ASN B 105 29.23 21.52 24.64
N ASP B 106 29.96 20.41 24.70
CA ASP B 106 30.87 20.17 25.82
C ASP B 106 31.84 21.33 26.01
N ARG B 107 32.33 21.90 24.92
CA ARG B 107 33.27 23.00 25.07
C ARG B 107 32.62 24.38 25.08
N GLY B 108 31.31 24.42 25.32
CA GLY B 108 30.58 25.69 25.39
C GLY B 108 30.65 26.56 24.15
N HIS B 109 30.49 25.95 22.98
CA HIS B 109 30.53 26.66 21.70
C HIS B 109 29.53 27.81 21.57
N ASP B 110 28.30 27.55 22.00
CA ASP B 110 27.23 28.55 21.90
C ASP B 110 27.45 29.79 22.77
N GLN B 111 28.07 29.61 23.93
CA GLN B 111 28.33 30.72 24.85
C GLN B 111 29.38 31.68 24.30
N MET B 112 30.13 31.23 23.30
CA MET B 112 31.17 32.05 22.70
C MET B 112 30.74 32.91 21.50
N LEU B 113 29.51 32.73 21.05
CA LEU B 113 29.02 33.51 19.91
C LEU B 113 28.77 34.97 20.32
N THR B 114 28.95 35.89 19.38
CA THR B 114 28.72 37.30 19.66
C THR B 114 27.22 37.56 19.66
N ARG B 115 26.78 38.56 20.41
CA ARG B 115 25.38 38.90 20.47
C ARG B 115 24.83 39.15 19.07
N GLU B 116 25.61 39.86 18.26
CA GLU B 116 25.23 40.18 16.89
C GLU B 116 24.96 38.90 16.08
N TRP B 117 25.85 37.94 16.19
CA TRP B 117 25.68 36.69 15.45
C TRP B 117 24.47 35.93 15.96
N VAL B 118 24.24 35.96 17.27
CA VAL B 118 23.08 35.27 17.84
C VAL B 118 21.80 35.84 17.23
N GLU B 119 21.76 37.16 17.03
CA GLU B 119 20.57 37.78 16.45
C GLU B 119 20.43 37.42 14.98
N THR B 120 21.57 37.26 14.31
CA THR B 120 21.56 36.86 12.90
C THR B 120 20.99 35.45 12.80
N LEU B 121 21.33 34.59 13.77
CA LEU B 121 20.82 33.22 13.78
C LEU B 121 19.30 33.19 13.95
N ALA B 122 18.78 34.04 14.83
CA ALA B 122 17.35 34.09 15.07
C ALA B 122 16.59 34.52 13.83
N ARG B 123 17.21 35.39 13.03
CA ARG B 123 16.56 35.84 11.84
C ARG B 123 16.72 34.89 10.67
N PHE B 124 17.98 34.50 10.40
CA PHE B 124 18.39 33.86 9.18
C PHE B 124 18.43 32.35 9.24
N TYR B 125 18.69 31.79 10.43
CA TYR B 125 18.89 30.38 10.62
C TYR B 125 17.68 29.60 11.10
N THR B 126 17.26 29.77 12.36
CA THR B 126 16.20 28.94 12.92
C THR B 126 14.93 28.82 12.11
N PRO B 127 14.57 30.11 11.57
CA PRO B 127 13.29 29.95 10.78
C PRO B 127 13.34 29.06 9.59
N ALA B 128 14.46 28.58 9.14
CA ALA B 128 14.53 27.61 8.01
C ALA B 128 13.77 26.28 8.31
N ARG B 129 13.34 26.04 9.55
CA ARG B 129 12.63 24.79 9.81
C ARG B 129 11.34 24.79 8.97
N TYR B 130 10.85 25.96 8.65
CA TYR B 130 9.64 26.08 7.83
C TYR B 130 9.96 25.82 6.36
N LEU B 131 11.07 26.39 5.88
CA LEU B 131 11.47 26.19 4.50
C LEU B 131 11.89 24.74 4.25
N PHE B 132 12.59 24.15 5.22
CA PHE B 132 13.03 22.76 5.08
C PHE B 132 11.85 21.78 5.09
N HIS B 133 10.84 22.05 5.93
CA HIS B 133 9.68 21.16 5.97
C HIS B 133 8.89 21.30 4.66
N ALA B 134 8.83 22.51 4.12
CA ALA B 134 8.14 22.77 2.87
C ALA B 134 8.82 21.98 1.75
N LEU B 135 10.15 21.86 1.83
CA LEU B 135 10.91 21.08 0.84
C LEU B 135 10.55 19.61 1.03
N GLN B 136 10.40 19.21 2.28
CA GLN B 136 10.03 17.84 2.65
C GLN B 136 8.69 17.49 2.01
N MET B 137 7.72 18.40 2.14
CA MET B 137 6.40 18.24 1.56
C MET B 137 6.51 18.28 0.03
N GLY B 138 7.37 19.14 -0.47
CA GLY B 138 7.56 19.28 -1.91
C GLY B 138 8.09 18.02 -2.55
N SER B 139 9.08 17.39 -1.93
CA SER B 139 9.65 16.17 -2.49
C SER B 139 8.77 14.94 -2.23
N VAL B 140 7.95 14.96 -1.17
CA VAL B 140 7.11 13.80 -0.91
C VAL B 140 5.96 13.79 -1.92
N TYR B 141 5.63 14.95 -2.47
CA TYR B 141 4.60 14.99 -3.49
C TYR B 141 5.17 14.37 -4.78
N ILE B 142 6.41 14.71 -5.10
CA ILE B 142 7.03 14.14 -6.29
C ILE B 142 7.00 12.62 -6.19
N HIS B 143 7.23 12.12 -4.97
CA HIS B 143 7.20 10.69 -4.71
C HIS B 143 5.91 10.03 -5.18
N GLN B 144 4.78 10.60 -4.80
CA GLN B 144 3.49 10.00 -5.13
C GLN B 144 2.92 10.26 -6.52
N ILE B 145 3.56 11.10 -7.33
CA ILE B 145 3.03 11.36 -8.67
C ILE B 145 3.99 10.98 -9.82
N ALA B 146 5.22 10.59 -9.48
CA ALA B 146 6.17 10.11 -10.50
C ALA B 146 5.72 8.75 -11.12
N PRO B 147 6.17 8.87 -12.48
CA PRO B 147 5.76 7.66 -13.30
C PRO B 147 6.58 6.43 -13.16
N ALA B 148 7.69 6.42 -12.47
CA ALA B 148 8.45 5.12 -12.31
C ALA B 148 8.88 4.93 -10.84
N SER B 149 8.97 3.70 -10.35
CA SER B 149 9.38 3.45 -8.97
C SER B 149 10.81 3.88 -8.70
N THR B 150 11.69 3.81 -9.70
CA THR B 150 13.08 4.22 -9.48
C THR B 150 13.15 5.73 -9.32
N ILE B 151 12.21 6.44 -9.94
CA ILE B 151 12.19 7.90 -9.81
C ILE B 151 11.60 8.21 -8.42
N THR B 152 10.54 7.49 -8.06
CA THR B 152 9.89 7.67 -6.77
C THR B 152 10.86 7.47 -5.60
N ASN B 153 11.62 6.37 -5.62
CA ASN B 153 12.56 6.12 -4.55
C ASN B 153 13.53 7.27 -4.32
N CYS B 154 14.07 7.85 -5.40
CA CYS B 154 14.99 8.97 -5.23
C CYS B 154 14.30 10.08 -4.43
N ALA B 155 13.02 10.31 -4.73
CA ALA B 155 12.25 11.35 -4.03
C ALA B 155 11.99 10.93 -2.59
N THR B 156 11.87 9.61 -2.37
CA THR B 156 11.64 9.03 -1.06
C THR B 156 12.78 9.36 -0.11
N TYR B 157 14.00 9.06 -0.53
CA TYR B 157 15.19 9.30 0.27
C TYR B 157 15.48 10.79 0.37
N GLU B 158 15.13 11.53 -0.67
CA GLU B 158 15.34 12.98 -0.67
C GLU B 158 14.42 13.58 0.39
N THR B 159 13.20 13.06 0.50
CA THR B 159 12.22 13.54 1.49
C THR B 159 12.73 13.29 2.89
N ALA B 160 13.37 12.14 3.08
CA ALA B 160 13.90 11.78 4.38
C ALA B 160 15.04 12.72 4.75
N ASP B 161 15.80 13.17 3.75
CA ASP B 161 16.91 14.10 3.96
C ASP B 161 16.39 15.47 4.35
N HIS B 162 15.28 15.88 3.74
CA HIS B 162 14.71 17.18 4.08
C HIS B 162 14.25 17.12 5.54
N LEU B 163 13.65 16.00 5.96
CA LEU B 163 13.21 15.86 7.36
C LEU B 163 14.45 15.87 8.26
N ARG B 164 15.55 15.36 7.73
CA ARG B 164 16.80 15.33 8.47
C ARG B 164 17.26 16.76 8.77
N TRP B 165 17.18 17.64 7.77
CA TRP B 165 17.61 19.03 7.97
C TRP B 165 16.67 19.74 8.95
N LEU B 166 15.38 19.50 8.80
CA LEU B 166 14.37 20.08 9.68
C LEU B 166 14.74 19.69 11.11
N THR B 167 15.04 18.42 11.32
CA THR B 167 15.39 17.89 12.62
C THR B 167 16.67 18.51 13.22
N HIS B 168 17.71 18.68 12.40
CA HIS B 168 18.94 19.32 12.88
C HIS B 168 18.57 20.71 13.37
N THR B 169 17.80 21.42 12.54
CA THR B 169 17.37 22.78 12.83
C THR B 169 16.53 22.87 14.12
N ALA B 170 15.63 21.92 14.33
CA ALA B 170 14.78 21.92 15.53
C ALA B 170 15.63 21.71 16.78
N TYR B 171 16.59 20.79 16.68
CA TYR B 171 17.49 20.47 17.78
C TYR B 171 18.31 21.70 18.16
N ARG B 172 18.97 22.31 17.17
CA ARG B 172 19.79 23.48 17.42
C ARG B 172 18.99 24.68 17.94
N THR B 173 17.76 24.84 17.46
CA THR B 173 16.92 25.94 17.93
C THR B 173 16.72 25.82 19.44
N ARG B 174 16.52 24.60 19.93
CA ARG B 174 16.34 24.36 21.37
C ARG B 174 17.61 24.72 22.13
N GLU B 175 18.75 24.25 21.64
CA GLU B 175 20.02 24.54 22.29
C GLU B 175 20.25 26.03 22.37
N LEU B 176 19.99 26.73 21.26
CA LEU B 176 20.14 28.16 21.22
C LEU B 176 19.20 28.85 22.20
N ALA B 177 17.96 28.38 22.27
CA ALA B 177 16.98 28.96 23.19
C ALA B 177 17.44 28.77 24.63
N ASN B 178 18.01 27.60 24.93
CA ASN B 178 18.50 27.32 26.28
C ASN B 178 19.65 28.27 26.64
N CYS B 179 20.53 28.52 25.68
CA CYS B 179 21.67 29.40 25.91
C CYS B 179 21.29 30.89 25.90
N TYR B 180 20.31 31.25 25.07
CA TYR B 180 19.86 32.64 24.96
C TYR B 180 18.34 32.72 25.02
N PRO B 181 17.75 32.38 26.18
CA PRO B 181 16.30 32.38 26.42
C PRO B 181 15.54 33.67 26.14
N ASP B 182 16.23 34.79 26.06
CA ASP B 182 15.57 36.07 25.80
C ASP B 182 15.43 36.43 24.32
N VAL B 183 16.10 35.70 23.45
CA VAL B 183 16.05 35.98 22.02
C VAL B 183 14.73 35.58 21.37
N GLY B 184 14.10 34.53 21.89
CA GLY B 184 12.84 34.10 21.32
C GLY B 184 12.98 32.88 20.41
N PHE B 185 14.13 32.24 20.46
CA PHE B 185 14.38 31.05 19.65
C PHE B 185 13.28 30.04 19.96
N GLY B 186 12.69 29.48 18.91
CA GLY B 186 11.63 28.49 19.10
C GLY B 186 10.21 29.07 19.12
N LYS B 187 10.10 30.35 19.51
CA LYS B 187 8.79 30.95 19.55
C LYS B 187 8.50 31.82 18.32
N ARG B 188 9.52 32.59 17.92
CA ARG B 188 9.37 33.61 16.92
C ARG B 188 9.45 33.21 15.48
N GLU B 189 10.05 32.06 15.18
CA GLU B 189 10.27 31.60 13.83
C GLU B 189 9.09 31.76 12.88
N ARG B 190 7.89 31.38 13.30
CA ARG B 190 6.74 31.49 12.40
C ARG B 190 6.51 32.94 11.96
N ASP B 191 6.62 33.87 12.90
CA ASP B 191 6.42 35.28 12.57
C ASP B 191 7.52 35.81 11.65
N VAL B 192 8.73 35.29 11.79
CA VAL B 192 9.82 35.72 10.91
C VAL B 192 9.56 35.17 9.51
N TRP B 193 9.26 33.88 9.43
CA TRP B 193 8.96 33.23 8.15
C TRP B 193 7.78 33.88 7.41
N GLU B 194 6.74 34.22 8.15
CA GLU B 194 5.60 34.84 7.53
C GLU B 194 5.74 36.30 7.19
N ASN B 195 6.52 37.06 7.97
CA ASN B 195 6.48 38.50 7.84
C ASN B 195 7.75 39.15 7.41
N ASP B 196 8.91 38.59 7.81
CA ASP B 196 10.20 39.23 7.51
C ASP B 196 10.45 39.30 6.00
N PRO B 197 10.71 40.50 5.45
CA PRO B 197 10.96 40.61 4.01
C PRO B 197 12.09 39.73 3.48
N ALA B 198 13.02 39.37 4.35
CA ALA B 198 14.15 38.54 3.94
C ALA B 198 13.70 37.15 3.52
N TRP B 199 12.57 36.69 4.07
CA TRP B 199 12.06 35.35 3.75
C TRP B 199 10.91 35.30 2.74
N GLN B 200 10.34 36.45 2.40
CA GLN B 200 9.19 36.46 1.50
C GLN B 200 9.45 35.98 0.08
N GLY B 201 10.67 36.14 -0.41
CA GLY B 201 10.97 35.65 -1.74
C GLY B 201 10.85 34.13 -1.70
N PHE B 202 11.55 33.50 -0.76
CA PHE B 202 11.52 32.05 -0.62
C PHE B 202 10.13 31.54 -0.29
N ARG B 203 9.40 32.27 0.54
CA ARG B 203 8.07 31.84 0.93
C ARG B 203 7.12 31.85 -0.29
N GLU B 204 7.17 32.92 -1.08
CA GLU B 204 6.31 32.98 -2.26
C GLU B 204 6.70 31.87 -3.24
N LEU B 205 8.00 31.66 -3.40
CA LEU B 205 8.51 30.63 -4.31
C LEU B 205 8.03 29.22 -3.93
N ILE B 206 8.26 28.82 -2.69
CA ILE B 206 7.88 27.47 -2.27
C ILE B 206 6.37 27.26 -2.17
N GLU B 207 5.63 28.28 -1.74
CA GLU B 207 4.17 28.14 -1.64
C GLU B 207 3.55 27.90 -3.01
N LYS B 208 4.01 28.64 -4.00
CA LYS B 208 3.49 28.47 -5.35
C LYS B 208 3.97 27.17 -5.95
N ALA B 209 5.23 26.80 -5.71
CA ALA B 209 5.78 25.56 -6.24
C ALA B 209 5.06 24.35 -5.66
N LEU B 210 4.55 24.48 -4.43
CA LEU B 210 3.85 23.39 -3.78
C LEU B 210 2.50 23.04 -4.40
N ILE B 211 2.02 23.87 -5.31
CA ILE B 211 0.73 23.59 -5.99
C ILE B 211 0.92 23.34 -7.47
N ALA B 212 2.17 23.15 -7.88
CA ALA B 212 2.47 22.68 -9.29
C ALA B 212 2.36 21.17 -9.32
N TRP B 213 1.18 20.67 -9.69
CA TRP B 213 0.76 19.29 -9.57
C TRP B 213 1.34 18.34 -10.60
N ASP B 214 1.64 18.87 -11.78
CA ASP B 214 2.19 18.06 -12.86
C ASP B 214 3.50 17.48 -12.33
N TRP B 215 3.68 16.17 -12.41
CA TRP B 215 4.91 15.57 -11.88
C TRP B 215 6.17 16.18 -12.48
N GLY B 216 6.13 16.48 -13.78
CA GLY B 216 7.29 17.05 -14.44
C GLY B 216 7.58 18.46 -13.96
N GLU B 217 6.52 19.26 -13.79
CA GLU B 217 6.72 20.62 -13.33
C GLU B 217 7.12 20.64 -11.85
N ALA B 218 6.60 19.69 -11.08
CA ALA B 218 6.94 19.60 -9.66
C ALA B 218 8.44 19.29 -9.54
N PHE B 219 8.88 18.30 -10.30
CA PHE B 219 10.29 17.93 -10.31
C PHE B 219 11.15 19.15 -10.64
N THR B 220 10.73 19.90 -11.65
CA THR B 220 11.46 21.08 -12.08
C THR B 220 11.44 22.22 -11.07
N ALA B 221 10.23 22.56 -10.60
CA ALA B 221 10.07 23.65 -9.64
C ALA B 221 10.80 23.38 -8.33
N ILE B 222 10.69 22.16 -7.84
CA ILE B 222 11.32 21.75 -6.58
C ILE B 222 12.80 21.56 -6.74
N ASN B 223 13.18 20.57 -7.55
CA ASN B 223 14.52 20.02 -7.65
C ASN B 223 15.46 20.84 -8.47
N LEU B 224 14.98 21.35 -9.60
CA LEU B 224 15.82 22.09 -10.51
C LEU B 224 15.94 23.56 -10.23
N VAL B 225 14.89 24.16 -9.65
CA VAL B 225 14.90 25.59 -9.41
C VAL B 225 14.92 26.02 -7.94
N THR B 226 13.97 25.52 -7.15
CA THR B 226 13.90 25.90 -5.75
C THR B 226 15.04 25.39 -4.86
N LYS B 227 15.27 24.08 -4.85
CA LYS B 227 16.33 23.53 -4.01
C LYS B 227 17.71 24.16 -4.24
N PRO B 228 18.13 24.35 -5.51
CA PRO B 228 19.45 24.96 -5.70
C PRO B 228 19.51 26.37 -5.11
N ALA B 229 18.40 27.10 -5.18
CA ALA B 229 18.37 28.45 -4.62
C ALA B 229 18.41 28.42 -3.09
N VAL B 230 17.67 27.50 -2.49
CA VAL B 230 17.65 27.37 -1.04
C VAL B 230 19.01 26.90 -0.53
N GLU B 231 19.58 25.91 -1.23
CA GLU B 231 20.87 25.35 -0.85
C GLU B 231 22.01 26.36 -0.93
N GLU B 232 22.04 27.17 -1.98
CA GLU B 232 23.10 28.16 -2.11
C GLU B 232 22.94 29.29 -1.09
N ALA B 233 21.69 29.67 -0.81
CA ALA B 233 21.44 30.75 0.13
C ALA B 233 21.60 30.33 1.59
N LEU B 234 20.85 29.30 1.99
CA LEU B 234 20.88 28.83 3.38
C LEU B 234 22.04 27.94 3.80
N LEU B 235 22.61 27.17 2.87
CA LEU B 235 23.71 26.31 3.25
C LEU B 235 25.05 26.93 2.89
N GLN B 236 25.22 27.25 1.61
CA GLN B 236 26.47 27.82 1.14
C GLN B 236 26.79 29.21 1.69
N GLN B 237 25.95 30.20 1.38
CA GLN B 237 26.17 31.56 1.83
C GLN B 237 26.10 31.75 3.34
N LEU B 238 25.02 31.29 3.96
CA LEU B 238 24.88 31.43 5.41
C LEU B 238 25.97 30.62 6.09
N GLY B 239 26.26 29.45 5.54
CA GLY B 239 27.28 28.57 6.10
C GLY B 239 28.66 29.21 6.12
N SER B 240 29.04 29.87 5.02
CA SER B 240 30.35 30.51 4.93
C SER B 240 30.40 31.68 5.91
N LEU B 241 29.30 32.43 5.97
CA LEU B 241 29.21 33.55 6.87
C LEU B 241 29.39 33.06 8.30
N ALA B 242 28.73 31.96 8.63
CA ALA B 242 28.82 31.38 9.96
C ALA B 242 30.28 31.15 10.35
N GLN B 243 31.02 30.49 9.46
CA GLN B 243 32.42 30.18 9.71
C GLN B 243 33.22 31.45 10.01
N SER B 244 33.06 32.46 9.18
CA SER B 244 33.77 33.72 9.34
C SER B 244 33.34 34.50 10.58
N GLU B 245 32.17 34.15 11.12
CA GLU B 245 31.67 34.83 12.32
C GLU B 245 31.93 34.08 13.61
N GLY B 246 32.61 32.94 13.51
CA GLY B 246 32.93 32.18 14.71
C GLY B 246 32.01 31.03 15.06
N ASP B 247 31.01 30.78 14.23
CA ASP B 247 30.07 29.69 14.47
C ASP B 247 30.55 28.46 13.71
N THR B 248 31.58 27.81 14.22
CA THR B 248 32.13 26.64 13.54
C THR B 248 31.09 25.54 13.41
N LEU B 249 30.16 25.48 14.36
CA LEU B 249 29.12 24.46 14.34
C LEU B 249 28.22 24.59 13.11
N LEU B 250 27.63 25.76 12.89
CA LEU B 250 26.77 25.93 11.75
C LEU B 250 27.56 25.77 10.45
N GLY B 251 28.81 26.23 10.45
CA GLY B 251 29.64 26.09 9.28
C GLY B 251 29.80 24.62 8.91
N LEU B 252 30.08 23.77 9.90
CA LEU B 252 30.25 22.34 9.62
C LEU B 252 28.92 21.63 9.35
N LEU B 253 27.84 22.06 10.01
CA LEU B 253 26.52 21.47 9.84
C LEU B 253 26.01 21.69 8.42
N ALA B 254 26.11 22.94 7.96
CA ALA B 254 25.65 23.29 6.63
C ALA B 254 26.42 22.51 5.56
N GLN B 255 27.70 22.30 5.81
CA GLN B 255 28.53 21.57 4.85
C GLN B 255 28.08 20.11 4.82
N ALA B 256 27.70 19.58 5.98
CA ALA B 256 27.26 18.20 6.06
C ALA B 256 25.93 18.01 5.33
N GLN B 257 25.03 18.97 5.48
CA GLN B 257 23.73 18.88 4.83
C GLN B 257 23.89 19.06 3.33
N LYS B 258 24.91 19.82 2.92
CA LYS B 258 25.18 20.06 1.50
C LYS B 258 25.47 18.73 0.80
N ARG B 259 25.99 17.75 1.54
CA ARG B 259 26.28 16.43 0.96
C ARG B 259 24.98 15.79 0.48
N ASP B 260 23.89 15.95 1.24
CA ASP B 260 22.61 15.39 0.83
C ASP B 260 22.15 16.13 -0.42
N ALA B 261 22.31 17.44 -0.41
CA ALA B 261 21.91 18.27 -1.54
C ALA B 261 22.65 17.88 -2.82
N GLU B 262 23.94 17.57 -2.69
CA GLU B 262 24.74 17.17 -3.85
C GLU B 262 24.14 15.89 -4.42
N ARG B 263 23.75 14.97 -3.55
CA ARG B 263 23.16 13.71 -4.00
C ARG B 263 21.85 13.92 -4.73
N HIS B 264 21.03 14.86 -4.24
CA HIS B 264 19.75 15.12 -4.89
C HIS B 264 20.00 15.69 -6.29
N ARG B 265 21.04 16.51 -6.41
CA ARG B 265 21.37 17.10 -7.71
C ARG B 265 21.84 16.00 -8.67
N ARG B 266 22.56 15.01 -8.15
CA ARG B 266 23.03 13.92 -8.99
C ARG B 266 21.88 13.13 -9.63
N TRP B 267 20.88 12.74 -8.86
CA TRP B 267 19.79 11.98 -9.48
C TRP B 267 18.92 12.89 -10.35
N SER B 268 18.77 14.15 -9.95
CA SER B 268 17.99 15.09 -10.74
C SER B 268 18.68 15.27 -12.10
N SER B 269 20.00 15.33 -12.06
CA SER B 269 20.79 15.49 -13.28
C SER B 269 20.61 14.26 -14.17
N ALA B 270 20.62 13.07 -13.57
CA ALA B 270 20.45 11.85 -14.34
C ALA B 270 19.06 11.76 -14.97
N LEU B 271 18.03 12.27 -14.28
CA LEU B 271 16.69 12.21 -14.84
C LEU B 271 16.55 13.15 -16.03
N VAL B 272 17.15 14.33 -15.92
CA VAL B 272 17.11 15.30 -17.02
C VAL B 272 17.86 14.70 -18.22
N LYS B 273 18.99 14.06 -17.95
CA LYS B 273 19.79 13.42 -18.99
C LYS B 273 18.95 12.41 -19.75
N MET B 274 18.17 11.62 -19.01
CA MET B 274 17.31 10.63 -19.64
C MET B 274 16.20 11.32 -20.43
N ALA B 275 15.61 12.35 -19.86
CA ALA B 275 14.53 13.08 -20.53
C ALA B 275 15.02 13.67 -21.86
N LEU B 276 16.27 14.10 -21.90
CA LEU B 276 16.83 14.70 -23.12
C LEU B 276 17.05 13.69 -24.25
N GLU B 277 16.73 12.42 -24.01
CA GLU B 277 16.89 11.40 -25.05
C GLU B 277 15.76 11.58 -26.06
N LYS B 278 14.66 12.18 -25.60
CA LYS B 278 13.50 12.41 -26.45
C LYS B 278 13.39 13.85 -26.91
N GLU B 279 13.06 14.04 -28.18
CA GLU B 279 12.93 15.37 -28.77
C GLU B 279 11.76 16.12 -28.15
N GLY B 280 11.98 17.38 -27.81
CA GLY B 280 10.93 18.19 -27.22
C GLY B 280 11.00 18.37 -25.72
N ASN B 281 11.63 17.43 -25.01
CA ASN B 281 11.71 17.54 -23.56
C ASN B 281 12.62 18.68 -23.08
N ARG B 282 13.70 18.93 -23.80
CA ARG B 282 14.62 20.02 -23.43
C ARG B 282 13.82 21.31 -23.37
N GLU B 283 13.03 21.55 -24.40
CA GLU B 283 12.20 22.75 -24.50
C GLU B 283 11.15 22.79 -23.39
N VAL B 284 10.55 21.65 -23.09
CA VAL B 284 9.54 21.57 -22.03
C VAL B 284 10.16 21.99 -20.70
N LEU B 285 11.35 21.44 -20.42
CA LEU B 285 12.07 21.75 -19.19
C LEU B 285 12.54 23.20 -19.13
N GLN B 286 13.08 23.71 -20.23
CA GLN B 286 13.55 25.10 -20.25
C GLN B 286 12.39 26.06 -20.10
N LYS B 287 11.21 25.65 -20.56
CA LYS B 287 10.03 26.48 -20.45
C LYS B 287 9.61 26.58 -18.99
N TRP B 288 9.67 25.46 -18.26
CA TRP B 288 9.29 25.47 -16.85
C TRP B 288 10.34 26.23 -16.06
N VAL B 289 11.61 26.09 -16.43
CA VAL B 289 12.68 26.80 -15.74
C VAL B 289 12.55 28.31 -15.93
N ALA B 290 12.16 28.74 -17.13
CA ALA B 290 12.01 30.17 -17.39
C ALA B 290 10.84 30.75 -16.61
N LYS B 291 9.84 29.90 -16.36
CA LYS B 291 8.67 30.31 -15.62
C LYS B 291 8.99 30.48 -14.13
N TRP B 292 9.76 29.53 -13.59
CA TRP B 292 10.10 29.53 -12.17
C TRP B 292 11.37 30.29 -11.76
N GLU B 293 12.37 30.32 -12.63
CA GLU B 293 13.63 31.01 -12.33
C GLU B 293 13.47 32.43 -11.78
N PRO B 294 12.53 33.21 -12.32
CA PRO B 294 12.37 34.58 -11.81
C PRO B 294 12.01 34.63 -10.33
N LEU B 295 11.27 33.63 -9.84
CA LEU B 295 10.90 33.61 -8.43
C LEU B 295 12.08 33.20 -7.57
N ALA B 296 12.97 32.40 -8.14
CA ALA B 296 14.16 31.97 -7.44
C ALA B 296 15.10 33.17 -7.28
N ASP B 297 15.25 33.97 -8.33
CA ASP B 297 16.11 35.15 -8.27
C ASP B 297 15.60 36.05 -7.16
N LYS B 298 14.29 36.23 -7.13
CA LYS B 298 13.61 37.04 -6.13
C LYS B 298 13.88 36.51 -4.72
N ALA B 299 13.83 35.19 -4.57
CA ALA B 299 14.07 34.56 -3.28
C ALA B 299 15.49 34.83 -2.79
N ILE B 300 16.46 34.61 -3.67
CA ILE B 300 17.87 34.82 -3.36
C ILE B 300 18.16 36.28 -3.05
N GLU B 301 17.53 37.18 -3.81
CA GLU B 301 17.73 38.60 -3.61
C GLU B 301 17.26 39.09 -2.26
N ALA B 302 16.02 38.77 -1.90
CA ALA B 302 15.47 39.21 -0.62
C ALA B 302 16.23 38.65 0.58
N TYR B 303 16.64 37.40 0.49
CA TYR B 303 17.37 36.75 1.58
C TYR B 303 18.81 37.22 1.72
N CYS B 304 19.61 37.03 0.68
CA CYS B 304 21.01 37.42 0.71
C CYS B 304 21.31 38.92 0.83
N SER B 305 20.45 39.76 0.27
CA SER B 305 20.70 41.20 0.37
C SER B 305 20.64 41.67 1.81
N ALA B 306 19.96 40.92 2.66
CA ALA B 306 19.84 41.28 4.06
C ALA B 306 21.04 40.83 4.88
N LEU B 307 21.85 39.94 4.30
CA LEU B 307 23.04 39.44 4.99
C LEU B 307 24.20 40.42 4.78
N PRO B 308 25.23 40.33 5.63
CA PRO B 308 26.37 41.25 5.45
C PRO B 308 27.02 40.94 4.09
N ASP B 309 27.42 41.97 3.35
CA ASP B 309 28.01 41.78 2.03
C ASP B 309 27.00 41.07 1.14
N GLY B 310 25.74 41.46 1.28
CA GLY B 310 24.66 40.87 0.51
C GLY B 310 24.80 40.85 -1.00
N GLU B 311 25.14 42.01 -1.58
CA GLU B 311 25.28 42.09 -3.03
C GLU B 311 26.20 41.00 -3.56
N ASN B 312 27.29 40.71 -2.85
CA ASN B 312 28.22 39.68 -3.28
C ASN B 312 27.61 38.30 -3.10
N ALA B 313 26.93 38.09 -1.98
CA ALA B 313 26.29 36.81 -1.69
C ALA B 313 25.26 36.50 -2.78
N ILE B 314 24.53 37.53 -3.20
CA ILE B 314 23.50 37.38 -4.23
C ILE B 314 24.12 36.90 -5.54
N VAL B 315 25.18 37.55 -5.98
CA VAL B 315 25.84 37.18 -7.23
C VAL B 315 26.33 35.74 -7.17
N GLU B 316 26.96 35.36 -6.06
CA GLU B 316 27.48 34.00 -5.90
C GLU B 316 26.37 32.94 -5.91
N ALA B 317 25.28 33.21 -5.18
CA ALA B 317 24.17 32.27 -5.11
C ALA B 317 23.49 32.12 -6.46
N LYS B 318 23.21 33.25 -7.12
CA LYS B 318 22.58 33.23 -8.43
C LYS B 318 23.45 32.44 -9.39
N SER B 319 24.74 32.73 -9.37
CA SER B 319 25.70 32.07 -10.24
C SER B 319 25.78 30.56 -10.03
N ALA B 320 25.97 30.15 -8.78
CA ALA B 320 26.08 28.73 -8.45
C ALA B 320 24.83 27.92 -8.73
N SER B 321 23.66 28.48 -8.43
CA SER B 321 22.41 27.76 -8.65
C SER B 321 22.14 27.59 -10.14
N ARG B 322 22.43 28.62 -10.93
CA ARG B 322 22.24 28.56 -12.36
C ARG B 322 23.19 27.53 -12.95
N TYR B 323 24.39 27.45 -12.40
CA TYR B 323 25.39 26.51 -12.88
C TYR B 323 24.89 25.07 -12.75
N VAL B 324 24.08 24.81 -11.74
CA VAL B 324 23.54 23.47 -11.54
C VAL B 324 22.76 23.04 -12.79
N ARG B 325 21.89 23.92 -13.28
CA ARG B 325 21.08 23.62 -14.45
C ARG B 325 21.90 23.68 -15.75
N GLN B 326 22.82 24.63 -15.83
CA GLN B 326 23.65 24.77 -17.02
C GLN B 326 24.44 23.49 -17.32
N MET B 327 24.92 22.83 -16.27
CA MET B 327 25.69 21.60 -16.45
C MET B 327 24.83 20.39 -16.80
N MET B 328 23.51 20.60 -16.83
CA MET B 328 22.59 19.52 -17.19
C MET B 328 22.19 19.76 -18.64
N GLY B 329 22.66 20.87 -19.19
CA GLY B 329 22.32 21.22 -20.56
C GLY B 329 20.98 21.92 -20.54
N THR C 3 -27.60 -17.22 -26.47
CA THR C 3 -26.93 -17.42 -25.19
C THR C 3 -27.37 -16.37 -24.17
N PHE C 4 -27.72 -16.84 -22.99
CA PHE C 4 -28.15 -15.96 -21.90
C PHE C 4 -27.42 -16.40 -20.63
N PRO C 5 -26.71 -15.46 -19.98
CA PRO C 5 -25.99 -15.83 -18.76
C PRO C 5 -26.83 -15.69 -17.49
N ILE C 6 -26.66 -16.64 -16.58
CA ILE C 6 -27.36 -16.60 -15.30
C ILE C 6 -26.38 -17.10 -14.26
N MET C 7 -26.63 -16.77 -13.00
CA MET C 7 -25.75 -17.23 -11.93
C MET C 7 -26.47 -18.39 -11.23
N SER C 8 -25.80 -19.54 -11.19
CA SER C 8 -26.38 -20.73 -10.58
C SER C 8 -25.99 -20.93 -9.12
N ASN C 9 -27.01 -20.94 -8.25
CA ASN C 9 -26.82 -21.17 -6.83
C ASN C 9 -27.44 -22.55 -6.59
N PHE C 10 -26.63 -23.58 -6.78
CA PHE C 10 -27.08 -24.96 -6.64
C PHE C 10 -27.21 -25.42 -5.19
N GLU C 11 -28.37 -25.99 -4.86
CA GLU C 11 -28.65 -26.46 -3.51
C GLU C 11 -27.60 -27.41 -2.97
N ARG C 12 -27.15 -27.13 -1.75
CA ARG C 12 -26.13 -27.92 -1.05
C ARG C 12 -24.72 -27.63 -1.53
N ASP C 13 -24.58 -26.83 -2.59
CA ASP C 13 -23.24 -26.47 -3.07
C ASP C 13 -22.76 -25.34 -2.14
N PHE C 14 -21.55 -24.86 -2.36
CA PHE C 14 -20.99 -23.81 -1.50
C PHE C 14 -20.77 -22.49 -2.22
N VAL C 15 -20.86 -22.52 -3.55
CA VAL C 15 -20.60 -21.33 -4.33
C VAL C 15 -21.58 -21.13 -5.49
N ILE C 16 -21.80 -19.87 -5.84
CA ILE C 16 -22.68 -19.52 -6.95
C ILE C 16 -21.77 -19.48 -8.17
N GLN C 17 -22.24 -20.03 -9.29
CA GLN C 17 -21.42 -20.09 -10.48
C GLN C 17 -22.06 -19.49 -11.71
N LEU C 18 -21.22 -19.11 -12.66
CA LEU C 18 -21.69 -18.55 -13.91
C LEU C 18 -22.10 -19.73 -14.79
N VAL C 19 -23.35 -19.73 -15.25
CA VAL C 19 -23.83 -20.82 -16.09
C VAL C 19 -24.59 -20.26 -17.29
N PRO C 20 -23.96 -20.30 -18.47
CA PRO C 20 -24.62 -19.80 -19.68
C PRO C 20 -25.73 -20.75 -20.11
N VAL C 21 -26.90 -20.20 -20.40
CA VAL C 21 -28.02 -21.01 -20.84
C VAL C 21 -28.52 -20.42 -22.15
N ASP C 22 -29.53 -21.04 -22.74
CA ASP C 22 -30.09 -20.55 -24.00
C ASP C 22 -31.47 -19.97 -23.72
N THR C 23 -31.85 -18.93 -24.45
CA THR C 23 -33.15 -18.29 -24.25
C THR C 23 -34.33 -19.22 -24.53
N GLU C 24 -34.08 -20.30 -25.28
CA GLU C 24 -35.14 -21.24 -25.60
C GLU C 24 -35.14 -22.43 -24.64
N ASP C 25 -34.17 -22.46 -23.74
CA ASP C 25 -34.06 -23.54 -22.76
C ASP C 25 -35.27 -23.55 -21.84
N THR C 26 -35.56 -24.74 -21.32
CA THR C 26 -36.66 -24.95 -20.39
C THR C 26 -36.04 -24.93 -19.01
N MET C 27 -36.81 -24.61 -17.98
CA MET C 27 -36.27 -24.60 -16.63
C MET C 27 -35.60 -25.94 -16.34
N ASP C 28 -36.19 -27.02 -16.85
CA ASP C 28 -35.60 -28.34 -16.64
C ASP C 28 -34.26 -28.44 -17.36
N GLN C 29 -34.19 -27.82 -18.53
CA GLN C 29 -32.95 -27.84 -19.30
C GLN C 29 -31.93 -26.89 -18.69
N VAL C 30 -32.42 -25.85 -18.01
CA VAL C 30 -31.54 -24.89 -17.35
C VAL C 30 -30.91 -25.65 -16.18
N ALA C 31 -31.76 -26.30 -15.39
CA ALA C 31 -31.32 -27.07 -14.23
C ALA C 31 -30.31 -28.14 -14.65
N GLU C 32 -30.49 -28.70 -15.84
CA GLU C 32 -29.59 -29.73 -16.34
C GLU C 32 -28.20 -29.13 -16.57
N LYS C 33 -28.18 -27.94 -17.17
CA LYS C 33 -26.91 -27.27 -17.44
C LYS C 33 -26.20 -26.85 -16.16
N CYS C 34 -26.99 -26.49 -15.13
CA CYS C 34 -26.45 -26.09 -13.84
C CYS C 34 -25.90 -27.29 -13.07
N ALA C 35 -26.65 -28.39 -13.11
CA ALA C 35 -26.25 -29.61 -12.42
C ALA C 35 -24.88 -30.08 -12.90
N TYR C 36 -24.58 -29.79 -14.15
CA TYR C 36 -23.30 -30.17 -14.74
C TYR C 36 -22.12 -29.64 -13.92
N HIS C 37 -22.26 -28.42 -13.41
CA HIS C 37 -21.20 -27.80 -12.64
C HIS C 37 -21.25 -28.07 -11.15
N SER C 38 -22.26 -28.81 -10.69
CA SER C 38 -22.38 -29.11 -9.26
C SER C 38 -22.54 -30.59 -8.92
N ILE C 39 -23.47 -31.27 -9.59
CA ILE C 39 -23.71 -32.69 -9.32
C ILE C 39 -22.49 -33.52 -9.69
N ASN C 40 -22.06 -34.37 -8.76
CA ASN C 40 -20.90 -35.22 -8.96
C ASN C 40 -19.57 -34.46 -8.93
N ARG C 41 -19.63 -33.19 -8.53
CA ARG C 41 -18.43 -32.38 -8.41
C ARG C 41 -18.26 -32.09 -6.92
N ARG C 42 -19.31 -31.55 -6.31
CA ARG C 42 -19.28 -31.29 -4.88
C ARG C 42 -20.66 -31.47 -4.25
N VAL C 43 -21.59 -32.00 -5.03
CA VAL C 43 -22.95 -32.27 -4.56
C VAL C 43 -23.41 -33.64 -5.03
N HIS C 44 -23.93 -34.44 -4.09
CA HIS C 44 -24.42 -35.78 -4.40
C HIS C 44 -25.75 -35.76 -5.10
N PRO C 45 -25.94 -36.67 -6.07
CA PRO C 45 -27.18 -36.79 -6.84
C PRO C 45 -28.32 -37.24 -5.93
N GLN C 46 -29.54 -36.93 -6.34
CA GLN C 46 -30.73 -37.32 -5.60
C GLN C 46 -31.77 -37.82 -6.62
N PRO C 47 -31.55 -39.03 -7.15
CA PRO C 47 -32.39 -39.72 -8.15
C PRO C 47 -33.89 -39.58 -7.93
N GLU C 48 -34.31 -39.63 -6.67
CA GLU C 48 -35.72 -39.52 -6.33
C GLU C 48 -36.28 -38.14 -6.68
N LYS C 49 -35.63 -37.10 -6.13
CA LYS C 49 -36.03 -35.71 -6.33
C LYS C 49 -35.99 -35.20 -7.78
N ILE C 50 -36.58 -34.04 -7.99
CA ILE C 50 -36.63 -33.37 -9.29
C ILE C 50 -36.03 -31.98 -9.13
N LEU C 51 -35.16 -31.58 -10.06
CA LEU C 51 -34.52 -30.26 -9.99
C LEU C 51 -35.42 -29.13 -10.48
N ARG C 52 -35.65 -28.17 -9.61
CA ARG C 52 -36.48 -27.01 -9.94
C ARG C 52 -35.70 -25.70 -9.90
N VAL C 53 -36.17 -24.70 -10.64
CA VAL C 53 -35.50 -23.41 -10.70
C VAL C 53 -36.36 -22.28 -10.15
N ARG C 54 -35.83 -21.50 -9.21
CA ARG C 54 -36.54 -20.36 -8.65
C ARG C 54 -35.66 -19.12 -8.58
N ARG C 55 -36.25 -17.96 -8.84
CA ARG C 55 -35.51 -16.70 -8.80
C ARG C 55 -34.97 -16.50 -7.39
N HIS C 56 -33.66 -16.31 -7.28
CA HIS C 56 -33.04 -16.16 -5.98
C HIS C 56 -33.48 -14.95 -5.17
N GLU C 57 -33.63 -13.81 -5.84
CA GLU C 57 -34.00 -12.58 -5.14
C GLU C 57 -35.32 -12.60 -4.40
N ASP C 58 -36.40 -12.99 -5.08
CA ASP C 58 -37.71 -13.03 -4.44
C ASP C 58 -38.26 -14.43 -4.17
N GLY C 59 -37.58 -15.45 -4.69
CA GLY C 59 -38.03 -16.82 -4.44
C GLY C 59 -39.12 -17.35 -5.35
N THR C 60 -39.35 -16.66 -6.47
CA THR C 60 -40.38 -17.09 -7.42
C THR C 60 -40.01 -18.44 -8.00
N LEU C 61 -40.94 -19.39 -7.90
CA LEU C 61 -40.72 -20.74 -8.42
C LEU C 61 -41.20 -20.80 -9.87
N PHE C 62 -40.32 -21.25 -10.76
CA PHE C 62 -40.67 -21.34 -12.17
C PHE C 62 -41.11 -22.75 -12.57
N PRO C 63 -42.16 -22.84 -13.40
CA PRO C 63 -42.68 -24.13 -13.86
C PRO C 63 -41.62 -24.90 -14.66
N ARG C 64 -41.54 -26.20 -14.43
CA ARG C 64 -40.56 -27.05 -15.12
C ARG C 64 -40.50 -26.79 -16.62
N GLY C 65 -41.65 -26.54 -17.22
CA GLY C 65 -41.70 -26.34 -18.66
C GLY C 65 -41.52 -24.93 -19.20
N MET C 66 -41.48 -23.93 -18.33
CA MET C 66 -41.31 -22.55 -18.77
C MET C 66 -39.92 -22.35 -19.37
N ILE C 67 -39.85 -21.53 -20.41
CA ILE C 67 -38.55 -21.27 -21.05
C ILE C 67 -37.96 -19.93 -20.62
N VAL C 68 -36.64 -19.87 -20.62
CA VAL C 68 -35.88 -18.69 -20.23
C VAL C 68 -36.45 -17.40 -20.81
N SER C 69 -36.76 -17.44 -22.10
CA SER C 69 -37.29 -16.29 -22.82
C SER C 69 -38.56 -15.67 -22.23
N ASP C 70 -39.32 -16.46 -21.48
CA ASP C 70 -40.55 -15.95 -20.88
C ASP C 70 -40.45 -15.75 -19.38
N ALA C 71 -39.29 -16.07 -18.83
CA ALA C 71 -39.05 -15.94 -17.39
C ALA C 71 -38.87 -14.51 -16.94
N GLY C 72 -38.61 -13.61 -17.88
CA GLY C 72 -38.43 -12.24 -17.49
C GLY C 72 -37.30 -12.09 -16.49
N LEU C 73 -36.21 -12.76 -16.88
CA LEU C 73 -34.94 -12.64 -16.15
C LEU C 73 -34.11 -11.46 -16.60
N ARG C 74 -33.30 -10.95 -15.69
CA ARG C 74 -32.32 -9.90 -16.06
C ARG C 74 -30.99 -10.64 -16.37
N PRO C 75 -30.23 -10.20 -17.36
CA PRO C 75 -28.99 -10.93 -17.64
C PRO C 75 -28.14 -11.03 -16.38
N THR C 76 -27.63 -12.24 -16.13
CA THR C 76 -26.79 -12.51 -14.97
C THR C 76 -27.62 -12.75 -13.70
N GLU C 77 -28.93 -12.84 -13.87
CA GLU C 77 -29.86 -13.10 -12.76
C GLU C 77 -29.42 -14.35 -11.98
N THR C 78 -29.50 -14.29 -10.66
CA THR C 78 -29.13 -15.44 -9.84
C THR C 78 -30.35 -16.34 -9.64
N LEU C 79 -30.16 -17.63 -9.91
CA LEU C 79 -31.24 -18.60 -9.79
C LEU C 79 -30.90 -19.76 -8.85
N ASP C 80 -31.85 -20.11 -7.99
CA ASP C 80 -31.62 -21.25 -7.11
C ASP C 80 -32.11 -22.55 -7.77
N ILE C 81 -31.18 -23.52 -7.77
CA ILE C 81 -31.58 -24.84 -8.36
C ILE C 81 -31.79 -25.78 -7.18
N ILE C 82 -33.03 -26.11 -6.89
CA ILE C 82 -33.32 -26.92 -5.68
C ILE C 82 -33.92 -28.26 -5.98
N PHE C 83 -33.75 -29.19 -5.05
CA PHE C 83 -34.29 -30.53 -5.15
C PHE C 83 -35.72 -30.54 -4.61
N MET C 84 -36.66 -31.03 -5.41
CA MET C 84 -38.07 -31.11 -5.01
C MET C 84 -38.72 -32.40 -5.48
N ASP C 85 -39.94 -32.65 -4.98
CA ASP C 85 -40.69 -33.84 -5.33
C ASP C 85 -41.40 -33.69 -6.68
#